data_5C9R
#
_entry.id   5C9R
#
_cell.length_a   78.497
_cell.length_b   78.497
_cell.length_c   224.279
_cell.angle_alpha   90.00
_cell.angle_beta   90.00
_cell.angle_gamma   90.00
#
_symmetry.space_group_name_H-M   'P 43 21 2'
#
loop_
_entity.id
_entity.type
_entity.pdbx_description
1 polymer 'Malate synthase G'
2 non-polymer 'MAGNESIUM ION'
3 non-polymer '3-[(4-chlorophenyl)sulfanyl]propanoic acid'
4 water water
#
_entity_poly.entity_id   1
_entity_poly.type   'polypeptide(L)'
_entity_poly.pdbx_seq_one_letter_code
;MTDRVSVGNLRIARVLYDFVNNEALPGTDIDPDSFWAGVDKVVADLTPQNQALLNARDELQAQIDKWHRRRVIEPIDMDA
YRQFLTEIGYLLPEPDDFTITTSGVDAEITTTAGPQLVVPVLNARFALNAANARWGSLYDALYGTDVIPETDGAEKGPTY
NKVRGDKVIAYARKFLDDSVPLSSGSFGDATGFTVQDGQLVVALPDKSTGLANPGQFAGYTGAAESPTSVLLINHGLHIE
ILIDPESQVGTTDRAGVKDVILESAITTIMDFEDSVAAVDAADKVLGYRNWLGLNKGDLAAAVDKDGTAFLRVLNRDRNY
TAPGGGQFTLPGRSLMFVRNVGHLMTNDAIVDTDGSEVFEGIMDALFTGLIAIHGLKASDVNGPLINSRTGSIYIVKPKM
HGPAEVAFTCELFSRVEDVLGLPQNTMKIGIMDEERRTTVNLKACIKAAADRVVFINTGFLDRTGDEIHTSMEAGPMVRK
GTMKSQPWILAYEDHNVDAGLAAGFSGRAQVGKGMWTMTELMADMVETKIAQPRAGASTAWVPSPTAATLHALHYHQVDV
AAVQQGLAGKRRATIEQLLTIPLAKELAWAPDEIREEVDNNCQSILGYVVRWVDQGVGASKVPDIHDVALMEDRATLRIS
SQLLANWLRHGVITSADVRASLERMAPLVDRQNAGDVAYRPMAPNFDDSIAFLAAQELILSGAQQPNGYTEPILHRRRRE
FKARAAEKPAPSDRAGDDAAR
;
_entity_poly.pdbx_strand_id   A
#
# COMPACT_ATOMS: atom_id res chain seq x y z
N THR A 2 -33.75 -15.40 11.75
CA THR A 2 -33.28 -15.15 10.39
C THR A 2 -32.36 -16.26 9.90
N ASP A 3 -31.23 -15.90 9.30
CA ASP A 3 -30.30 -16.86 8.73
C ASP A 3 -29.08 -17.03 9.64
N ARG A 4 -28.95 -16.15 10.62
CA ARG A 4 -27.77 -16.07 11.48
C ARG A 4 -27.56 -17.24 12.44
N VAL A 5 -26.32 -17.37 12.91
CA VAL A 5 -25.94 -18.39 13.86
C VAL A 5 -25.68 -17.79 15.24
N SER A 6 -26.30 -18.36 16.28
CA SER A 6 -26.08 -17.86 17.63
C SER A 6 -24.87 -18.49 18.29
N VAL A 7 -24.00 -17.61 18.79
CA VAL A 7 -22.83 -18.01 19.54
C VAL A 7 -22.70 -17.00 20.64
N GLY A 8 -23.11 -17.39 21.84
CA GLY A 8 -23.10 -16.47 22.96
C GLY A 8 -23.99 -15.27 22.67
N ASN A 9 -23.44 -14.07 22.76
CA ASN A 9 -24.20 -12.84 22.49
C ASN A 9 -24.11 -12.47 21.00
N LEU A 10 -23.46 -13.32 20.22
CA LEU A 10 -23.25 -12.98 18.82
C LEU A 10 -24.20 -13.70 17.88
N ARG A 11 -24.52 -13.03 16.78
CA ARG A 11 -25.35 -13.59 15.73
C ARG A 11 -24.56 -13.47 14.41
N ILE A 12 -23.90 -14.56 14.05
CA ILE A 12 -22.98 -14.63 12.93
C ILE A 12 -23.70 -14.93 11.62
N ALA A 13 -23.60 -14.02 10.65
CA ALA A 13 -24.08 -14.30 9.30
C ALA A 13 -23.64 -15.69 8.84
N ARG A 14 -24.59 -16.47 8.32
CA ARG A 14 -24.37 -17.88 7.99
C ARG A 14 -23.28 -18.06 6.94
N VAL A 15 -23.29 -17.20 5.92
CA VAL A 15 -22.26 -17.28 4.89
C VAL A 15 -20.85 -17.24 5.53
N LEU A 16 -20.69 -16.43 6.57
CA LEU A 16 -19.41 -16.32 7.27
C LEU A 16 -19.15 -17.53 8.15
N TYR A 17 -20.16 -17.92 8.92
CA TYR A 17 -20.04 -19.07 9.81
C TYR A 17 -19.59 -20.31 9.03
N ASP A 18 -20.29 -20.60 7.94
CA ASP A 18 -19.98 -21.71 7.06
C ASP A 18 -18.57 -21.61 6.41
N PHE A 19 -18.22 -20.43 5.89
CA PHE A 19 -16.89 -20.25 5.30
C PHE A 19 -15.83 -20.64 6.33
N VAL A 20 -15.99 -20.16 7.55
CA VAL A 20 -14.98 -20.41 8.56
C VAL A 20 -14.91 -21.89 8.95
N ASN A 21 -16.06 -22.51 9.16
CA ASN A 21 -16.07 -23.91 9.56
C ASN A 21 -15.60 -24.89 8.47
N ASN A 22 -16.00 -24.63 7.24
CA ASN A 22 -15.68 -25.52 6.14
C ASN A 22 -14.34 -25.22 5.45
N GLU A 23 -13.92 -23.95 5.48
CA GLU A 23 -12.77 -23.55 4.65
C GLU A 23 -11.58 -23.08 5.47
N ALA A 24 -11.84 -22.20 6.45
CA ALA A 24 -10.75 -21.59 7.19
C ALA A 24 -10.17 -22.46 8.29
N LEU A 25 -11.04 -23.16 9.02
CA LEU A 25 -10.64 -23.91 10.21
C LEU A 25 -9.95 -25.27 9.95
N PRO A 26 -10.41 -26.05 8.96
CA PRO A 26 -9.75 -27.35 8.74
C PRO A 26 -8.28 -27.26 8.36
N GLY A 27 -7.42 -27.86 9.17
CA GLY A 27 -5.99 -27.84 8.92
C GLY A 27 -5.24 -26.96 9.89
N THR A 28 -5.97 -26.22 10.70
CA THR A 28 -5.38 -25.32 11.70
C THR A 28 -5.30 -25.99 13.07
N ASP A 29 -5.94 -27.17 13.18
CA ASP A 29 -5.98 -27.92 14.43
C ASP A 29 -6.68 -27.15 15.56
N ILE A 30 -7.39 -26.09 15.19
CA ILE A 30 -8.16 -25.32 16.15
C ILE A 30 -9.54 -25.93 16.30
N ASP A 31 -9.92 -26.19 17.54
CA ASP A 31 -11.25 -26.72 17.84
C ASP A 31 -12.29 -25.67 17.47
N PRO A 32 -13.16 -25.99 16.49
CA PRO A 32 -14.11 -25.01 15.95
C PRO A 32 -14.94 -24.32 17.02
N ASP A 33 -15.44 -25.09 17.99
CA ASP A 33 -16.23 -24.53 19.06
C ASP A 33 -15.42 -23.58 19.94
N SER A 34 -14.17 -23.94 20.21
CA SER A 34 -13.30 -23.09 21.00
C SER A 34 -13.07 -21.78 20.27
N PHE A 35 -12.88 -21.88 18.96
CA PHE A 35 -12.65 -20.70 18.14
C PHE A 35 -13.82 -19.73 18.25
N TRP A 36 -15.04 -20.23 18.03
CA TRP A 36 -16.22 -19.37 18.05
C TRP A 36 -16.49 -18.79 19.45
N ALA A 37 -16.20 -19.56 20.49
CA ALA A 37 -16.31 -19.06 21.86
C ALA A 37 -15.26 -17.96 22.06
N GLY A 38 -14.08 -18.15 21.48
CA GLY A 38 -13.06 -17.10 21.48
C GLY A 38 -13.53 -15.80 20.81
N VAL A 39 -14.14 -15.93 19.65
CA VAL A 39 -14.70 -14.78 18.93
C VAL A 39 -15.67 -14.02 19.83
N ASP A 40 -16.63 -14.75 20.40
CA ASP A 40 -17.59 -14.18 21.34
C ASP A 40 -16.90 -13.47 22.49
N LYS A 41 -15.88 -14.09 23.07
CA LYS A 41 -15.23 -13.52 24.23
C LYS A 41 -14.34 -12.29 23.93
N VAL A 42 -13.51 -12.38 22.89
CA VAL A 42 -12.70 -11.23 22.46
C VAL A 42 -13.57 -10.04 22.04
N VAL A 43 -14.62 -10.31 21.28
CA VAL A 43 -15.55 -9.24 20.91
C VAL A 43 -16.20 -8.60 22.15
N ALA A 44 -16.66 -9.43 23.09
CA ALA A 44 -17.23 -8.91 24.34
C ALA A 44 -16.23 -8.09 25.15
N ASP A 45 -15.02 -8.61 25.30
CA ASP A 45 -13.99 -7.95 26.12
C ASP A 45 -13.38 -6.67 25.54
N LEU A 46 -13.27 -6.56 24.22
CA LEU A 46 -12.51 -5.47 23.60
C LEU A 46 -13.38 -4.38 22.94
N THR A 47 -14.64 -4.69 22.69
CA THR A 47 -15.59 -3.71 22.13
C THR A 47 -15.69 -2.39 22.93
N PRO A 48 -15.83 -2.47 24.27
CA PRO A 48 -15.90 -1.20 25.02
C PRO A 48 -14.67 -0.29 24.89
N GLN A 49 -13.45 -0.83 25.05
CA GLN A 49 -12.23 -0.06 24.80
C GLN A 49 -12.17 0.46 23.36
N ASN A 50 -12.61 -0.36 22.40
CA ASN A 50 -12.63 0.06 20.99
C ASN A 50 -13.52 1.29 20.85
N GLN A 51 -14.68 1.27 21.50
CA GLN A 51 -15.61 2.38 21.43
C GLN A 51 -15.06 3.59 22.22
N ALA A 52 -14.36 3.31 23.32
CA ALA A 52 -13.78 4.35 24.15
C ALA A 52 -12.75 5.18 23.35
N LEU A 53 -11.90 4.48 22.61
CA LEU A 53 -10.89 5.13 21.79
C LEU A 53 -11.49 6.01 20.68
N LEU A 54 -12.60 5.56 20.10
CA LEU A 54 -13.30 6.33 19.07
C LEU A 54 -13.92 7.60 19.65
N ASN A 55 -14.49 7.49 20.85
CA ASN A 55 -15.04 8.64 21.55
C ASN A 55 -13.95 9.66 21.87
N ALA A 56 -12.78 9.16 22.27
CA ALA A 56 -11.67 10.04 22.59
C ALA A 56 -11.24 10.89 21.40
N ARG A 57 -11.27 10.31 20.20
CA ARG A 57 -10.97 11.04 18.98
C ARG A 57 -11.93 12.23 18.86
N ASP A 58 -13.22 11.93 18.98
CA ASP A 58 -14.26 12.95 18.92
C ASP A 58 -14.05 14.07 19.92
N GLU A 59 -13.68 13.71 21.15
CA GLU A 59 -13.52 14.71 22.18
C GLU A 59 -12.34 15.61 21.93
N LEU A 60 -11.24 15.01 21.46
CA LEU A 60 -10.04 15.76 21.17
C LEU A 60 -10.28 16.71 20.00
N GLN A 61 -11.01 16.23 19.00
CA GLN A 61 -11.34 17.08 17.86
C GLN A 61 -12.27 18.25 18.21
N ALA A 62 -13.23 18.02 19.11
CA ALA A 62 -14.14 19.08 19.56
C ALA A 62 -13.35 20.18 20.25
N GLN A 63 -12.41 19.78 21.10
CA GLN A 63 -11.55 20.72 21.80
C GLN A 63 -10.69 21.53 20.83
N ILE A 64 -10.18 20.90 19.79
CA ILE A 64 -9.38 21.62 18.80
C ILE A 64 -10.24 22.59 17.98
N ASP A 65 -11.41 22.13 17.55
CA ASP A 65 -12.35 22.99 16.83
C ASP A 65 -12.64 24.26 17.65
N LYS A 66 -12.90 24.08 18.94
CA LYS A 66 -13.20 25.18 19.82
C LYS A 66 -12.02 26.12 19.97
N TRP A 67 -10.82 25.54 20.12
CA TRP A 67 -9.61 26.35 20.25
C TRP A 67 -9.48 27.37 19.11
N HIS A 68 -9.60 26.89 17.87
CA HIS A 68 -9.61 27.74 16.69
C HIS A 68 -10.78 28.74 16.62
N ARG A 69 -11.99 28.29 16.93
CA ARG A 69 -13.19 29.16 16.88
C ARG A 69 -13.14 30.32 17.87
N ARG A 70 -12.37 30.15 18.93
CA ARG A 70 -12.31 31.11 20.03
C ARG A 70 -11.30 32.23 19.80
N ARG A 71 -10.49 32.09 18.76
CA ARG A 71 -9.49 33.11 18.49
C ARG A 71 -9.58 33.64 17.06
N VAL A 72 -9.03 34.84 16.86
CA VAL A 72 -9.08 35.48 15.54
C VAL A 72 -7.77 36.16 15.14
N ILE A 73 -6.67 35.73 15.74
CA ILE A 73 -5.34 36.23 15.38
C ILE A 73 -4.85 35.64 14.06
N GLU A 74 -4.14 36.46 13.27
CA GLU A 74 -3.69 36.00 11.96
C GLU A 74 -2.58 34.93 11.97
N PRO A 75 -1.51 35.10 12.80
CA PRO A 75 -0.54 34.01 12.80
C PRO A 75 -0.75 33.06 13.99
N ILE A 76 -0.81 31.76 13.73
CA ILE A 76 -0.94 30.81 14.83
C ILE A 76 0.25 30.92 15.78
N ASP A 77 -0.03 31.30 17.02
CA ASP A 77 0.97 31.22 18.09
C ASP A 77 1.30 29.76 18.36
N MET A 78 2.42 29.29 17.81
CA MET A 78 2.82 27.90 17.95
C MET A 78 2.99 27.48 19.40
N ASP A 79 3.53 28.39 20.22
CA ASP A 79 3.76 28.04 21.62
C ASP A 79 2.48 27.74 22.39
N ALA A 80 1.44 28.55 22.16
CA ALA A 80 0.18 28.35 22.84
C ALA A 80 -0.52 27.11 22.29
N TYR A 81 -0.46 26.96 20.97
CA TYR A 81 -1.09 25.84 20.29
C TYR A 81 -0.54 24.53 20.82
N ARG A 82 0.78 24.43 20.86
CA ARG A 82 1.47 23.26 21.35
C ARG A 82 1.17 23.00 22.82
N GLN A 83 1.12 24.05 23.62
CA GLN A 83 0.78 23.94 25.03
C GLN A 83 -0.62 23.35 25.20
N PHE A 84 -1.56 23.88 24.42
CA PHE A 84 -2.94 23.41 24.44
C PHE A 84 -3.03 21.92 24.06
N LEU A 85 -2.36 21.54 22.98
CA LEU A 85 -2.37 20.14 22.53
C LEU A 85 -1.80 19.20 23.60
N THR A 86 -0.80 19.67 24.33
CA THR A 86 -0.23 18.89 25.42
C THR A 86 -1.24 18.75 26.55
N GLU A 87 -1.86 19.86 26.92
CA GLU A 87 -2.80 19.88 28.02
C GLU A 87 -3.98 18.94 27.80
N ILE A 88 -4.45 18.83 26.56
CA ILE A 88 -5.63 18.00 26.30
C ILE A 88 -5.30 16.52 26.05
N GLY A 89 -4.01 16.19 26.00
CA GLY A 89 -3.59 14.79 25.89
C GLY A 89 -3.40 14.35 24.46
N TYR A 90 -3.37 15.31 23.55
CA TYR A 90 -3.20 15.05 22.13
C TYR A 90 -1.70 14.82 21.85
N LEU A 91 -0.88 15.76 22.32
CA LEU A 91 0.56 15.63 22.21
C LEU A 91 1.04 15.04 23.53
N LEU A 92 1.52 13.80 23.50
CA LEU A 92 1.97 13.13 24.70
C LEU A 92 3.49 13.24 24.83
N PRO A 93 4.00 13.03 26.06
CA PRO A 93 5.46 13.05 26.24
C PRO A 93 6.13 11.99 25.38
N GLU A 94 7.32 12.32 24.89
CA GLU A 94 8.11 11.38 24.12
C GLU A 94 8.94 10.50 25.06
N PRO A 95 8.90 9.16 24.85
CA PRO A 95 9.59 8.24 25.76
C PRO A 95 11.10 8.22 25.51
N ASP A 96 11.86 7.66 26.45
CA ASP A 96 13.31 7.54 26.30
C ASP A 96 13.65 6.67 25.10
N ASP A 97 14.85 6.82 24.56
CA ASP A 97 15.31 6.01 23.43
C ASP A 97 15.15 4.53 23.75
N PHE A 98 14.84 3.75 22.72
CA PHE A 98 14.64 2.33 22.89
C PHE A 98 14.96 1.65 21.58
N THR A 99 15.14 0.33 21.63
CA THR A 99 15.33 -0.47 20.42
C THR A 99 14.24 -1.53 20.35
N ILE A 100 13.59 -1.64 19.20
CA ILE A 100 12.55 -2.63 19.00
C ILE A 100 13.18 -3.99 19.21
N THR A 101 12.37 -4.95 19.69
CA THR A 101 12.88 -6.29 19.95
C THR A 101 12.20 -7.33 19.07
N THR A 102 11.39 -6.88 18.11
CA THR A 102 10.62 -7.77 17.24
C THR A 102 11.48 -8.89 16.63
N SER A 103 11.03 -10.14 16.75
CA SER A 103 11.79 -11.28 16.23
C SER A 103 10.91 -12.32 15.54
N GLY A 104 11.55 -13.27 14.84
CA GLY A 104 10.83 -14.26 14.06
C GLY A 104 10.32 -13.67 12.75
N VAL A 105 11.02 -12.63 12.27
CA VAL A 105 10.65 -11.93 11.04
C VAL A 105 11.51 -12.37 9.84
N ASP A 106 10.87 -12.52 8.68
CA ASP A 106 11.52 -12.93 7.45
C ASP A 106 12.49 -11.89 6.90
N ALA A 107 13.49 -12.36 6.17
CA ALA A 107 14.55 -11.52 5.62
C ALA A 107 14.05 -10.44 4.67
N GLU A 108 13.00 -10.74 3.90
CA GLU A 108 12.38 -9.77 2.98
C GLU A 108 11.98 -8.48 3.67
N ILE A 109 11.71 -8.58 4.97
CA ILE A 109 11.28 -7.46 5.79
C ILE A 109 12.41 -6.84 6.61
N THR A 110 13.21 -7.69 7.26
CA THR A 110 14.26 -7.17 8.16
C THR A 110 15.42 -6.57 7.38
N THR A 111 15.73 -7.19 6.26
CA THR A 111 17.00 -6.92 5.61
C THR A 111 16.89 -6.34 4.21
N THR A 112 16.03 -6.95 3.39
CA THR A 112 15.98 -6.61 1.97
C THR A 112 15.23 -5.31 1.71
N ALA A 113 15.90 -4.37 1.04
CA ALA A 113 15.25 -3.14 0.64
C ALA A 113 14.75 -3.24 -0.80
N GLY A 114 13.45 -3.01 -1.01
CA GLY A 114 12.89 -2.97 -2.36
C GLY A 114 11.39 -2.68 -2.40
N PRO A 115 10.80 -2.69 -3.62
CA PRO A 115 9.42 -2.25 -3.76
C PRO A 115 8.44 -3.16 -3.02
N GLN A 116 7.30 -2.58 -2.67
CA GLN A 116 6.21 -3.30 -2.01
C GLN A 116 4.93 -2.98 -2.76
N LEU A 117 4.23 -4.03 -3.14
CA LEU A 117 3.01 -3.94 -3.90
C LEU A 117 1.82 -3.91 -2.94
N VAL A 118 0.77 -3.17 -3.29
CA VAL A 118 -0.49 -3.21 -2.56
C VAL A 118 -1.60 -3.52 -3.56
N VAL A 119 -2.43 -4.52 -3.25
CA VAL A 119 -3.44 -4.95 -4.21
C VAL A 119 -4.76 -5.26 -3.49
N PRO A 120 -5.91 -5.01 -4.15
CA PRO A 120 -7.19 -5.34 -3.51
C PRO A 120 -7.38 -6.85 -3.43
N VAL A 121 -7.61 -7.33 -2.20
CA VAL A 121 -7.71 -8.75 -1.94
C VAL A 121 -8.99 -9.38 -2.51
N LEU A 122 -9.99 -8.55 -2.79
CA LEU A 122 -11.22 -9.04 -3.38
C LEU A 122 -11.04 -9.36 -4.87
N ASN A 123 -9.98 -8.83 -5.47
CA ASN A 123 -9.66 -9.17 -6.85
C ASN A 123 -8.63 -10.29 -6.94
N ALA A 124 -9.13 -11.52 -7.11
CA ALA A 124 -8.28 -12.71 -7.13
C ALA A 124 -7.20 -12.69 -8.21
N ARG A 125 -7.52 -12.19 -9.40
CA ARG A 125 -6.49 -12.17 -10.45
C ARG A 125 -5.39 -11.18 -10.12
N PHE A 126 -5.75 -9.99 -9.67
CA PHE A 126 -4.75 -9.00 -9.29
C PHE A 126 -3.87 -9.50 -8.15
N ALA A 127 -4.50 -10.04 -7.11
CA ALA A 127 -3.78 -10.59 -5.96
C ALA A 127 -2.74 -11.62 -6.40
N LEU A 128 -3.15 -12.53 -7.30
CA LEU A 128 -2.25 -13.55 -7.85
C LEU A 128 -1.10 -12.93 -8.64
N ASN A 129 -1.40 -11.96 -9.49
CA ASN A 129 -0.36 -11.24 -10.22
C ASN A 129 0.65 -10.57 -9.28
N ALA A 130 0.14 -9.99 -8.20
CA ALA A 130 1.00 -9.30 -7.23
C ALA A 130 1.90 -10.29 -6.52
N ALA A 131 1.31 -11.40 -6.07
CA ALA A 131 2.07 -12.44 -5.40
C ALA A 131 3.18 -13.01 -6.33
N ASN A 132 2.86 -13.13 -7.62
CA ASN A 132 3.82 -13.59 -8.61
C ASN A 132 4.83 -12.51 -9.05
N ALA A 133 4.66 -11.29 -8.55
CA ALA A 133 5.44 -10.15 -9.04
C ALA A 133 6.83 -10.01 -8.41
N ARG A 134 7.17 -10.92 -7.49
CA ARG A 134 8.52 -11.06 -6.93
C ARG A 134 9.62 -11.00 -8.01
N TRP A 135 9.34 -11.60 -9.16
CA TRP A 135 10.25 -11.57 -10.29
C TRP A 135 9.50 -11.02 -11.49
N GLY A 136 10.13 -10.11 -12.20
CA GLY A 136 9.49 -9.46 -13.31
C GLY A 136 10.47 -9.16 -14.42
N SER A 137 9.95 -9.17 -15.65
CA SER A 137 10.74 -8.88 -16.84
C SER A 137 11.08 -7.40 -16.95
N LEU A 138 12.36 -7.07 -17.03
CA LEU A 138 12.74 -5.67 -17.21
C LEU A 138 12.49 -5.23 -18.66
N TYR A 139 12.66 -6.14 -19.61
CA TYR A 139 12.42 -5.82 -21.03
C TYR A 139 10.94 -5.48 -21.25
N ASP A 140 10.06 -6.24 -20.61
CA ASP A 140 8.64 -6.01 -20.77
C ASP A 140 8.28 -4.66 -20.19
N ALA A 141 8.86 -4.35 -19.03
CA ALA A 141 8.54 -3.12 -18.35
C ALA A 141 9.06 -1.90 -19.10
N LEU A 142 10.17 -2.05 -19.81
CA LEU A 142 10.77 -0.93 -20.54
C LEU A 142 10.09 -0.71 -21.89
N TYR A 143 9.88 -1.80 -22.63
CA TYR A 143 9.20 -1.75 -23.91
C TYR A 143 7.77 -1.26 -23.74
N GLY A 144 7.08 -1.80 -22.74
CA GLY A 144 5.66 -1.58 -22.57
C GLY A 144 5.23 -0.24 -22.00
N THR A 145 6.18 0.53 -21.46
CA THR A 145 5.83 1.79 -20.81
C THR A 145 6.56 2.95 -21.50
N ASP A 146 6.37 4.16 -21.00
CA ASP A 146 7.03 5.32 -21.60
C ASP A 146 8.46 5.57 -21.08
N VAL A 147 9.01 4.65 -20.29
CA VAL A 147 10.38 4.79 -19.82
C VAL A 147 11.33 4.86 -21.03
N ILE A 148 11.04 4.05 -22.05
CA ILE A 148 11.62 4.26 -23.38
C ILE A 148 10.65 5.11 -24.19
N PRO A 149 11.03 6.35 -24.50
CA PRO A 149 10.11 7.28 -25.16
C PRO A 149 9.59 6.75 -26.49
N GLU A 150 8.31 6.99 -26.75
CA GLU A 150 7.74 6.72 -28.07
C GLU A 150 7.99 7.89 -29.01
N THR A 151 9.28 8.17 -29.23
CA THR A 151 9.68 9.13 -30.24
C THR A 151 9.50 8.50 -31.63
N ASP A 152 9.72 9.29 -32.67
CA ASP A 152 9.75 8.83 -34.06
C ASP A 152 10.57 7.55 -34.21
N GLY A 153 9.98 6.53 -34.85
CA GLY A 153 10.69 5.29 -35.11
C GLY A 153 10.74 4.32 -33.94
N ALA A 154 10.39 4.79 -32.74
CA ALA A 154 10.52 3.97 -31.54
C ALA A 154 9.19 3.73 -30.83
N GLU A 155 8.09 4.01 -31.51
CA GLU A 155 6.78 3.84 -30.89
C GLU A 155 6.30 2.41 -30.88
N LYS A 156 5.40 2.12 -29.95
CA LYS A 156 4.75 0.82 -29.86
C LYS A 156 3.76 0.71 -31.02
N GLY A 157 3.79 -0.42 -31.70
CA GLY A 157 2.82 -0.70 -32.73
C GLY A 157 1.99 -1.89 -32.31
N PRO A 158 1.25 -2.48 -33.26
CA PRO A 158 0.50 -3.70 -32.94
C PRO A 158 1.47 -4.88 -32.85
N THR A 159 2.60 -4.77 -33.53
CA THR A 159 3.65 -5.79 -33.47
C THR A 159 5.02 -5.22 -33.09
N TYR A 160 5.99 -6.12 -32.94
CA TYR A 160 7.30 -5.79 -32.39
C TYR A 160 8.11 -4.77 -33.22
N ASN A 161 8.55 -3.70 -32.57
CA ASN A 161 9.35 -2.66 -33.20
C ASN A 161 10.80 -2.81 -32.76
N LYS A 162 11.65 -3.22 -33.69
CA LYS A 162 13.07 -3.48 -33.39
C LYS A 162 13.84 -2.26 -32.91
N VAL A 163 13.50 -1.06 -33.41
CA VAL A 163 14.20 0.15 -32.98
C VAL A 163 13.91 0.38 -31.49
N ARG A 164 12.70 0.06 -31.08
CA ARG A 164 12.31 0.21 -29.68
C ARG A 164 12.95 -0.89 -28.85
N GLY A 165 12.91 -2.11 -29.35
CA GLY A 165 13.60 -3.23 -28.74
C GLY A 165 15.08 -2.93 -28.47
N ASP A 166 15.73 -2.30 -29.44
CA ASP A 166 17.15 -1.96 -29.29
C ASP A 166 17.39 -0.92 -28.20
N LYS A 167 16.52 0.08 -28.10
CA LYS A 167 16.61 1.04 -26.99
C LYS A 167 16.47 0.30 -25.65
N VAL A 168 15.53 -0.65 -25.60
CA VAL A 168 15.29 -1.45 -24.40
C VAL A 168 16.56 -2.18 -24.00
N ILE A 169 17.13 -2.93 -24.94
CA ILE A 169 18.40 -3.63 -24.74
C ILE A 169 19.50 -2.71 -24.21
N ALA A 170 19.70 -1.56 -24.87
CA ALA A 170 20.74 -0.62 -24.45
C ALA A 170 20.48 -0.03 -23.05
N TYR A 171 19.21 0.25 -22.73
CA TYR A 171 18.89 0.76 -21.39
C TYR A 171 19.33 -0.24 -20.33
N ALA A 172 18.99 -1.51 -20.54
CA ALA A 172 19.28 -2.59 -19.61
C ALA A 172 20.77 -2.93 -19.54
N ARG A 173 21.48 -2.80 -20.65
CA ARG A 173 22.91 -3.00 -20.63
C ARG A 173 23.56 -1.98 -19.72
N LYS A 174 23.06 -0.75 -19.78
CA LYS A 174 23.58 0.33 -18.94
C LYS A 174 23.29 0.09 -17.46
N PHE A 175 22.09 -0.44 -17.18
CA PHE A 175 21.70 -0.82 -15.82
C PHE A 175 22.68 -1.84 -15.28
N LEU A 176 23.01 -2.81 -16.11
CA LEU A 176 23.99 -3.83 -15.76
C LEU A 176 25.37 -3.23 -15.49
N ASP A 177 25.83 -2.33 -16.35
CA ASP A 177 27.11 -1.67 -16.12
C ASP A 177 27.10 -0.94 -14.78
N ASP A 178 26.02 -0.21 -14.51
CA ASP A 178 25.90 0.58 -13.30
C ASP A 178 25.72 -0.28 -12.04
N SER A 179 25.13 -1.46 -12.17
CA SER A 179 24.75 -2.22 -10.99
C SER A 179 25.72 -3.32 -10.63
N VAL A 180 26.31 -3.95 -11.64
CA VAL A 180 27.21 -5.08 -11.45
C VAL A 180 28.37 -4.89 -12.43
N PRO A 181 29.21 -3.88 -12.17
CA PRO A 181 30.22 -3.44 -13.16
C PRO A 181 31.22 -4.55 -13.50
N LEU A 182 31.54 -4.69 -14.79
CA LEU A 182 32.64 -5.57 -15.19
C LEU A 182 33.98 -4.92 -14.79
N SER A 183 35.01 -5.75 -14.56
CA SER A 183 36.37 -5.25 -14.29
C SER A 183 36.87 -4.27 -15.35
N SER A 184 36.68 -4.64 -16.62
CA SER A 184 36.96 -3.72 -17.72
C SER A 184 35.89 -3.86 -18.79
N GLY A 185 35.60 -2.76 -19.48
CA GLY A 185 34.60 -2.79 -20.54
C GLY A 185 33.15 -2.72 -20.05
N SER A 186 32.23 -2.83 -21.01
CA SER A 186 30.81 -2.69 -20.74
C SER A 186 30.04 -3.96 -21.11
N PHE A 187 28.97 -4.24 -20.38
CA PHE A 187 28.03 -5.29 -20.78
C PHE A 187 27.50 -5.07 -22.20
N GLY A 188 27.53 -3.81 -22.66
CA GLY A 188 27.10 -3.47 -24.00
C GLY A 188 27.90 -4.11 -25.12
N ASP A 189 29.08 -4.65 -24.78
CA ASP A 189 29.94 -5.27 -25.77
C ASP A 189 30.14 -6.76 -25.52
N ALA A 190 29.39 -7.30 -24.58
CA ALA A 190 29.46 -8.73 -24.31
C ALA A 190 29.10 -9.56 -25.53
N THR A 191 29.69 -10.74 -25.65
CA THR A 191 29.35 -11.67 -26.71
C THR A 191 28.97 -13.03 -26.14
N GLY A 192 29.18 -13.21 -24.85
CA GLY A 192 28.82 -14.46 -24.21
C GLY A 192 29.16 -14.53 -22.74
N PHE A 193 28.65 -15.56 -22.07
CA PHE A 193 28.84 -15.74 -20.63
C PHE A 193 29.20 -17.17 -20.35
N THR A 194 30.25 -17.39 -19.55
CA THR A 194 30.59 -18.74 -19.10
C THR A 194 30.96 -18.74 -17.62
N VAL A 195 30.83 -19.91 -16.98
CA VAL A 195 31.29 -20.09 -15.61
C VAL A 195 32.52 -21.00 -15.53
N GLN A 196 33.65 -20.43 -15.10
CA GLN A 196 34.94 -21.13 -15.06
C GLN A 196 35.51 -21.13 -13.64
N ASP A 197 35.62 -22.31 -13.05
CA ASP A 197 36.11 -22.48 -11.68
C ASP A 197 35.37 -21.55 -10.72
N GLY A 198 34.04 -21.58 -10.78
CA GLY A 198 33.20 -20.78 -9.91
C GLY A 198 33.20 -19.29 -10.18
N GLN A 199 33.76 -18.87 -11.31
CA GLN A 199 33.86 -17.45 -11.64
C GLN A 199 33.08 -17.10 -12.90
N LEU A 200 32.38 -15.98 -12.88
CA LEU A 200 31.67 -15.53 -14.07
C LEU A 200 32.63 -14.88 -15.05
N VAL A 201 32.66 -15.39 -16.27
CA VAL A 201 33.50 -14.82 -17.30
C VAL A 201 32.63 -14.28 -18.41
N VAL A 202 32.87 -13.02 -18.75
CA VAL A 202 32.10 -12.32 -19.77
C VAL A 202 32.99 -12.09 -20.98
N ALA A 203 32.58 -12.64 -22.11
CA ALA A 203 33.35 -12.54 -23.34
C ALA A 203 33.12 -11.18 -24.02
N LEU A 204 34.21 -10.52 -24.34
CA LEU A 204 34.16 -9.26 -25.08
C LEU A 204 34.76 -9.52 -26.46
N PRO A 205 34.71 -8.52 -27.37
CA PRO A 205 35.32 -8.76 -28.69
C PRO A 205 36.82 -9.13 -28.65
N ASP A 206 37.65 -8.28 -28.06
CA ASP A 206 39.09 -8.50 -28.09
C ASP A 206 39.66 -9.19 -26.83
N LYS A 207 38.78 -9.56 -25.91
CA LYS A 207 39.21 -10.12 -24.63
C LYS A 207 38.04 -10.66 -23.80
N SER A 208 38.36 -11.19 -22.63
CA SER A 208 37.37 -11.59 -21.64
C SER A 208 37.60 -10.84 -20.33
N THR A 209 36.60 -10.85 -19.46
CA THR A 209 36.71 -10.19 -18.18
C THR A 209 35.72 -10.76 -17.16
N GLY A 210 35.99 -10.50 -15.89
CA GLY A 210 35.09 -10.91 -14.82
C GLY A 210 34.38 -9.72 -14.23
N LEU A 211 33.73 -9.91 -13.09
CA LEU A 211 33.06 -8.82 -12.42
C LEU A 211 34.06 -7.98 -11.63
N ALA A 212 33.79 -6.68 -11.52
CA ALA A 212 34.58 -5.81 -10.65
C ALA A 212 34.55 -6.41 -9.24
N ASN A 213 33.38 -6.90 -8.85
CA ASN A 213 33.19 -7.55 -7.58
C ASN A 213 32.59 -8.94 -7.78
N PRO A 214 33.46 -9.94 -7.94
CA PRO A 214 33.11 -11.36 -8.20
C PRO A 214 32.00 -11.88 -7.30
N GLY A 215 31.83 -11.28 -6.12
CA GLY A 215 30.82 -11.69 -5.17
C GLY A 215 29.39 -11.37 -5.61
N GLN A 216 29.25 -10.50 -6.61
CA GLN A 216 27.92 -10.18 -7.13
C GLN A 216 27.37 -11.32 -8.00
N PHE A 217 28.24 -12.29 -8.32
CA PHE A 217 27.84 -13.49 -9.04
C PHE A 217 27.16 -14.49 -8.10
N ALA A 218 25.86 -14.66 -8.25
CA ALA A 218 25.11 -15.50 -7.33
C ALA A 218 24.81 -16.90 -7.88
N GLY A 219 24.95 -17.08 -9.19
CA GLY A 219 24.68 -18.39 -9.75
C GLY A 219 24.28 -18.36 -11.21
N TYR A 220 23.69 -19.47 -11.67
CA TYR A 220 23.34 -19.65 -13.07
C TYR A 220 22.41 -20.85 -13.29
N THR A 221 21.94 -21.01 -14.53
CA THR A 221 21.24 -22.23 -14.94
C THR A 221 21.83 -22.79 -16.23
N GLY A 222 21.58 -24.07 -16.49
CA GLY A 222 22.18 -24.74 -17.64
C GLY A 222 23.64 -25.09 -17.36
N ALA A 223 24.39 -25.34 -18.41
CA ALA A 223 25.76 -25.81 -18.26
C ALA A 223 26.71 -24.63 -18.09
N ALA A 224 27.72 -24.78 -17.26
CA ALA A 224 28.66 -23.69 -16.98
C ALA A 224 29.30 -23.12 -18.24
N GLU A 225 29.41 -23.96 -19.28
CA GLU A 225 30.13 -23.65 -20.51
C GLU A 225 29.22 -23.06 -21.58
N SER A 226 27.92 -23.07 -21.29
CA SER A 226 26.94 -22.35 -22.08
C SER A 226 25.67 -22.19 -21.23
N PRO A 227 25.70 -21.29 -20.23
CA PRO A 227 24.55 -21.19 -19.33
C PRO A 227 23.29 -20.74 -20.05
N THR A 228 22.14 -21.14 -19.53
CA THR A 228 20.87 -20.66 -20.04
C THR A 228 20.54 -19.30 -19.39
N SER A 229 21.09 -19.08 -18.19
CA SER A 229 20.94 -17.79 -17.54
C SER A 229 22.03 -17.56 -16.50
N VAL A 230 22.28 -16.28 -16.20
CA VAL A 230 23.26 -15.89 -15.19
C VAL A 230 22.60 -15.05 -14.08
N LEU A 231 22.81 -15.46 -12.83
CA LEU A 231 22.18 -14.80 -11.70
C LEU A 231 23.18 -13.91 -10.95
N LEU A 232 22.78 -12.67 -10.76
CA LEU A 232 23.58 -11.67 -10.09
C LEU A 232 22.84 -11.15 -8.88
N ILE A 233 23.58 -10.50 -7.98
CA ILE A 233 22.96 -9.86 -6.84
C ILE A 233 23.61 -8.49 -6.59
N ASN A 234 22.78 -7.53 -6.25
CA ASN A 234 23.26 -6.20 -5.89
C ASN A 234 22.30 -5.59 -4.88
N HIS A 235 22.89 -5.04 -3.81
CA HIS A 235 22.11 -4.53 -2.69
C HIS A 235 21.02 -5.52 -2.25
N GLY A 236 21.40 -6.80 -2.18
CA GLY A 236 20.46 -7.84 -1.74
C GLY A 236 19.36 -8.23 -2.72
N LEU A 237 19.31 -7.60 -3.89
CA LEU A 237 18.29 -7.91 -4.90
C LEU A 237 18.90 -8.62 -6.09
N HIS A 238 18.19 -9.63 -6.60
CA HIS A 238 18.68 -10.44 -7.68
C HIS A 238 18.34 -9.91 -9.06
N ILE A 239 19.30 -10.14 -9.96
CA ILE A 239 19.21 -9.73 -11.35
C ILE A 239 19.54 -10.96 -12.18
N GLU A 240 18.63 -11.34 -13.08
CA GLU A 240 18.90 -12.53 -13.88
C GLU A 240 18.96 -12.26 -15.38
N ILE A 241 20.10 -12.60 -15.98
CA ILE A 241 20.28 -12.46 -17.41
C ILE A 241 19.85 -13.77 -18.06
N LEU A 242 18.78 -13.73 -18.84
CA LEU A 242 18.34 -14.92 -19.58
C LEU A 242 19.02 -14.98 -20.93
N ILE A 243 19.68 -16.10 -21.22
CA ILE A 243 20.44 -16.25 -22.46
C ILE A 243 19.74 -17.23 -23.38
N ASP A 244 19.36 -16.76 -24.56
CA ASP A 244 18.70 -17.60 -25.55
C ASP A 244 18.59 -16.89 -26.89
N PRO A 245 19.51 -17.21 -27.83
CA PRO A 245 19.51 -16.64 -29.18
C PRO A 245 18.33 -17.11 -30.03
N GLU A 246 17.64 -18.17 -29.60
CA GLU A 246 16.44 -18.63 -30.30
C GLU A 246 15.18 -17.96 -29.77
N SER A 247 15.29 -16.68 -29.45
CA SER A 247 14.15 -15.92 -29.01
C SER A 247 14.02 -14.66 -29.86
N GLN A 248 12.82 -14.08 -29.84
CA GLN A 248 12.52 -12.86 -30.58
C GLN A 248 13.65 -11.82 -30.53
N VAL A 249 14.04 -11.41 -29.32
CA VAL A 249 15.03 -10.35 -29.16
C VAL A 249 16.43 -10.92 -28.98
N GLY A 250 16.50 -12.20 -28.63
CA GLY A 250 17.79 -12.87 -28.46
C GLY A 250 18.55 -12.97 -29.77
N THR A 251 17.83 -13.23 -30.86
CA THR A 251 18.42 -13.34 -32.18
C THR A 251 19.09 -12.04 -32.57
N THR A 252 18.48 -10.92 -32.18
CA THR A 252 19.02 -9.61 -32.50
C THR A 252 20.18 -9.21 -31.57
N ASP A 253 20.34 -9.94 -30.46
CA ASP A 253 21.26 -9.49 -29.41
C ASP A 253 22.68 -10.03 -29.53
N ARG A 254 23.63 -9.17 -29.22
CA ARG A 254 25.05 -9.49 -29.39
C ARG A 254 25.59 -10.61 -28.51
N ALA A 255 24.87 -10.94 -27.44
CA ALA A 255 25.29 -12.02 -26.54
C ALA A 255 24.23 -13.10 -26.40
N GLY A 256 23.22 -13.04 -27.28
CA GLY A 256 22.11 -13.99 -27.25
C GLY A 256 21.12 -13.73 -26.14
N VAL A 257 21.21 -12.54 -25.53
CA VAL A 257 20.41 -12.24 -24.34
C VAL A 257 18.93 -11.99 -24.64
N LYS A 258 18.07 -12.80 -24.02
CA LYS A 258 16.64 -12.75 -24.25
C LYS A 258 15.95 -11.70 -23.38
N ASP A 259 16.37 -11.62 -22.11
CA ASP A 259 15.73 -10.72 -21.18
C ASP A 259 16.64 -10.53 -19.98
N VAL A 260 16.29 -9.53 -19.17
CA VAL A 260 16.86 -9.38 -17.85
C VAL A 260 15.70 -9.39 -16.88
N ILE A 261 15.67 -10.36 -15.98
CA ILE A 261 14.63 -10.46 -14.97
C ILE A 261 15.11 -9.81 -13.69
N LEU A 262 14.29 -8.94 -13.11
CA LEU A 262 14.63 -8.35 -11.81
C LEU A 262 13.74 -8.86 -10.68
N GLU A 263 14.35 -9.15 -9.53
CA GLU A 263 13.59 -9.35 -8.29
C GLU A 263 13.00 -7.99 -7.92
N SER A 264 11.67 -7.91 -7.85
CA SER A 264 10.93 -6.64 -7.82
C SER A 264 10.15 -6.48 -6.51
N ALA A 265 8.88 -6.90 -6.53
CA ALA A 265 8.03 -6.85 -5.34
C ALA A 265 8.40 -7.99 -4.39
N ILE A 266 9.30 -7.72 -3.45
CA ILE A 266 9.69 -8.79 -2.56
C ILE A 266 8.66 -9.00 -1.45
N THR A 267 7.85 -7.97 -1.19
CA THR A 267 6.69 -8.06 -0.28
C THR A 267 5.47 -7.45 -0.94
N THR A 268 4.30 -7.96 -0.57
CA THR A 268 3.02 -7.51 -1.10
C THR A 268 2.02 -7.40 0.03
N ILE A 269 1.24 -6.33 0.06
CA ILE A 269 0.17 -6.18 1.04
C ILE A 269 -1.17 -6.52 0.38
N MET A 270 -1.80 -7.57 0.90
CA MET A 270 -3.12 -7.98 0.44
C MET A 270 -4.14 -7.17 1.23
N ASP A 271 -4.84 -6.31 0.53
CA ASP A 271 -5.61 -5.26 1.18
C ASP A 271 -7.08 -5.59 1.41
N PHE A 272 -7.51 -5.52 2.67
CA PHE A 272 -8.93 -5.56 3.02
C PHE A 272 -9.49 -4.16 3.29
N GLU A 273 -8.65 -3.12 3.22
CA GLU A 273 -9.10 -1.77 3.57
C GLU A 273 -9.42 -0.86 2.36
N ASP A 274 -8.61 0.18 2.16
CA ASP A 274 -9.03 1.29 1.30
C ASP A 274 -9.06 1.02 -0.22
N SER A 275 -8.44 -0.08 -0.67
CA SER A 275 -8.55 -0.41 -2.10
C SER A 275 -9.70 -1.40 -2.39
N VAL A 276 -10.47 -1.78 -1.37
CA VAL A 276 -11.59 -2.71 -1.63
C VAL A 276 -12.90 -2.13 -1.17
N ALA A 277 -13.99 -2.63 -1.75
CA ALA A 277 -15.32 -2.19 -1.36
C ALA A 277 -16.02 -3.40 -0.81
N ALA A 278 -16.16 -3.43 0.52
CA ALA A 278 -16.67 -4.59 1.22
C ALA A 278 -17.56 -4.14 2.39
N VAL A 279 -18.87 -4.28 2.23
CA VAL A 279 -19.78 -3.61 3.14
C VAL A 279 -20.76 -4.54 3.87
N ASP A 280 -20.57 -5.83 3.71
CA ASP A 280 -21.45 -6.81 4.34
C ASP A 280 -20.76 -8.15 4.39
N ALA A 281 -21.45 -9.16 4.91
CA ALA A 281 -20.85 -10.45 5.14
C ALA A 281 -20.40 -11.08 3.84
N ALA A 282 -21.20 -10.95 2.78
CA ALA A 282 -20.86 -11.55 1.50
C ALA A 282 -19.54 -10.98 0.96
N ASP A 283 -19.35 -9.67 1.11
CA ASP A 283 -18.13 -9.06 0.62
C ASP A 283 -16.92 -9.53 1.41
N LYS A 284 -17.05 -9.58 2.74
CA LYS A 284 -15.95 -9.99 3.61
C LYS A 284 -15.54 -11.43 3.33
N VAL A 285 -16.52 -12.29 3.07
CA VAL A 285 -16.25 -13.70 2.76
C VAL A 285 -15.49 -13.85 1.43
N LEU A 286 -15.88 -13.08 0.42
CA LEU A 286 -15.13 -13.04 -0.84
C LEU A 286 -13.66 -12.69 -0.57
N GLY A 287 -13.44 -11.69 0.28
CA GLY A 287 -12.09 -11.29 0.64
C GLY A 287 -11.36 -12.38 1.42
N TYR A 288 -12.01 -12.87 2.47
CA TYR A 288 -11.45 -13.92 3.29
C TYR A 288 -11.14 -15.17 2.45
N ARG A 289 -12.01 -15.50 1.50
CA ARG A 289 -11.78 -16.66 0.65
C ARG A 289 -10.52 -16.49 -0.20
N ASN A 290 -10.30 -15.30 -0.75
CA ASN A 290 -9.07 -15.11 -1.53
C ASN A 290 -7.82 -15.16 -0.64
N TRP A 291 -7.88 -14.48 0.51
CA TRP A 291 -6.79 -14.50 1.46
C TRP A 291 -6.44 -15.96 1.83
N LEU A 292 -7.47 -16.78 2.03
CA LEU A 292 -7.28 -18.21 2.29
C LEU A 292 -6.60 -18.96 1.16
N GLY A 293 -7.08 -18.73 -0.06
CA GLY A 293 -6.50 -19.33 -1.25
C GLY A 293 -5.02 -18.99 -1.39
N LEU A 294 -4.67 -17.73 -1.15
CA LEU A 294 -3.27 -17.31 -1.21
C LEU A 294 -2.42 -18.03 -0.17
N ASN A 295 -2.95 -18.15 1.05
CA ASN A 295 -2.19 -18.78 2.11
C ASN A 295 -2.07 -20.29 1.98
N LYS A 296 -3.09 -20.94 1.41
CA LYS A 296 -3.05 -22.38 1.18
C LYS A 296 -2.29 -22.69 -0.10
N GLY A 297 -2.11 -21.68 -0.94
CA GLY A 297 -1.34 -21.82 -2.16
C GLY A 297 -2.15 -22.34 -3.34
N ASP A 298 -3.46 -22.46 -3.15
CA ASP A 298 -4.30 -23.01 -4.20
C ASP A 298 -5.28 -21.99 -4.82
N LEU A 299 -5.08 -20.69 -4.58
CA LEU A 299 -5.92 -19.72 -5.28
C LEU A 299 -5.62 -19.82 -6.77
N ALA A 300 -6.68 -19.87 -7.57
CA ALA A 300 -6.55 -19.93 -9.02
C ALA A 300 -7.67 -19.11 -9.64
N ALA A 301 -7.32 -18.25 -10.60
CA ALA A 301 -8.30 -17.35 -11.23
C ALA A 301 -8.51 -17.63 -12.72
N ALA A 302 -9.70 -17.26 -13.21
CA ALA A 302 -10.15 -17.52 -14.59
C ALA A 302 -9.12 -17.27 -15.70
N VAL A 303 -9.03 -16.02 -16.16
CA VAL A 303 -8.04 -15.65 -17.17
C VAL A 303 -7.17 -14.50 -16.68
N LEU A 311 -5.87 -20.25 -16.85
CA LEU A 311 -6.01 -20.33 -15.39
C LEU A 311 -4.75 -19.83 -14.71
N ARG A 312 -4.87 -18.77 -13.92
CA ARG A 312 -3.73 -18.15 -13.28
C ARG A 312 -3.47 -18.80 -11.91
N VAL A 313 -2.22 -19.14 -11.63
CA VAL A 313 -1.85 -19.75 -10.35
C VAL A 313 -0.60 -19.11 -9.70
N LEU A 314 -0.28 -19.54 -8.48
CA LEU A 314 0.88 -19.03 -7.76
C LEU A 314 2.15 -19.71 -8.23
N ASN A 315 3.26 -18.98 -8.18
CA ASN A 315 4.54 -19.46 -8.67
C ASN A 315 5.29 -20.31 -7.65
N ARG A 316 6.07 -21.27 -8.16
CA ARG A 316 6.97 -22.08 -7.35
C ARG A 316 8.26 -21.32 -7.11
N ASP A 317 9.08 -21.83 -6.21
CA ASP A 317 10.41 -21.27 -5.99
C ASP A 317 11.28 -21.45 -7.23
N ARG A 318 12.34 -20.67 -7.32
CA ARG A 318 13.19 -20.70 -8.50
C ARG A 318 14.48 -21.45 -8.20
N ASN A 319 14.84 -22.35 -9.12
CA ASN A 319 16.02 -23.21 -8.97
C ASN A 319 17.30 -22.72 -9.66
N TYR A 320 18.40 -22.78 -8.93
CA TYR A 320 19.66 -22.27 -9.42
C TYR A 320 20.82 -23.20 -9.13
N THR A 321 21.90 -23.02 -9.88
CA THR A 321 23.16 -23.66 -9.57
C THR A 321 24.06 -22.59 -8.95
N ALA A 322 24.65 -22.90 -7.80
CA ALA A 322 25.57 -21.98 -7.14
C ALA A 322 26.86 -21.83 -7.96
N PRO A 323 27.65 -20.76 -7.69
CA PRO A 323 28.86 -20.58 -8.50
C PRO A 323 29.80 -21.80 -8.44
N GLY A 324 29.89 -22.42 -7.26
CA GLY A 324 30.77 -23.56 -7.05
C GLY A 324 30.30 -24.78 -7.80
N GLY A 325 28.99 -24.89 -7.96
CA GLY A 325 28.43 -26.02 -8.68
C GLY A 325 27.29 -26.67 -7.92
N GLY A 326 27.13 -26.31 -6.65
CA GLY A 326 26.03 -26.81 -5.84
C GLY A 326 24.67 -26.22 -6.17
N GLN A 327 23.60 -26.79 -5.60
CA GLN A 327 22.25 -26.35 -5.91
C GLN A 327 21.66 -25.47 -4.81
N PHE A 328 20.82 -24.51 -5.20
CA PHE A 328 20.02 -23.76 -4.24
C PHE A 328 18.71 -23.25 -4.85
N THR A 329 17.89 -22.64 -3.99
CA THR A 329 16.57 -22.19 -4.35
C THR A 329 16.34 -20.76 -3.84
N LEU A 330 15.54 -19.98 -4.57
CA LEU A 330 15.12 -18.64 -4.13
C LEU A 330 13.59 -18.56 -4.14
N PRO A 331 13.00 -17.77 -3.23
CA PRO A 331 11.55 -17.58 -3.15
C PRO A 331 10.96 -17.07 -4.46
N GLY A 332 9.91 -17.70 -4.95
CA GLY A 332 9.31 -17.31 -6.21
C GLY A 332 8.14 -16.36 -6.02
N ARG A 333 7.77 -16.16 -4.76
CA ARG A 333 6.60 -15.39 -4.41
C ARG A 333 6.93 -14.17 -3.57
N SER A 334 6.14 -13.14 -3.75
CA SER A 334 6.21 -11.96 -2.92
C SER A 334 5.72 -12.38 -1.53
N LEU A 335 6.45 -12.03 -0.49
CA LEU A 335 6.04 -12.34 0.87
C LEU A 335 4.85 -11.46 1.26
N MET A 336 3.76 -12.07 1.74
CA MET A 336 2.51 -11.35 1.93
C MET A 336 2.28 -10.73 3.32
N PHE A 337 1.84 -9.48 3.32
CA PHE A 337 1.20 -8.88 4.48
C PHE A 337 -0.30 -8.94 4.19
N VAL A 338 -1.12 -8.73 5.21
CA VAL A 338 -2.51 -8.42 4.97
C VAL A 338 -2.80 -7.09 5.64
N ARG A 339 -3.49 -6.18 4.95
CA ARG A 339 -3.94 -4.96 5.60
C ARG A 339 -5.36 -5.13 6.08
N ASN A 340 -5.52 -5.23 7.39
CA ASN A 340 -6.85 -5.22 8.02
C ASN A 340 -7.47 -3.83 7.95
N VAL A 341 -8.77 -3.72 8.20
CA VAL A 341 -9.36 -2.39 8.39
C VAL A 341 -8.96 -1.84 9.77
N GLY A 342 -9.11 -0.53 9.96
CA GLY A 342 -8.77 0.12 11.22
C GLY A 342 -9.88 0.07 12.26
N HIS A 343 -9.79 0.92 13.28
CA HIS A 343 -10.66 0.82 14.45
C HIS A 343 -12.08 1.36 14.30
N LEU A 344 -12.36 2.02 13.18
CA LEU A 344 -13.62 2.78 13.08
C LEU A 344 -14.89 1.97 12.85
N MET A 345 -14.92 1.19 11.76
CA MET A 345 -16.16 0.73 11.19
C MET A 345 -16.69 -0.54 11.82
N THR A 346 -18.00 -0.70 11.75
CA THR A 346 -18.61 -1.96 12.12
C THR A 346 -19.03 -2.61 10.82
N ASN A 347 -19.38 -3.89 10.88
CA ASN A 347 -19.85 -4.61 9.71
C ASN A 347 -20.90 -5.62 10.16
N ASP A 348 -21.95 -5.80 9.37
CA ASP A 348 -23.08 -6.62 9.80
C ASP A 348 -22.84 -8.14 9.64
N ALA A 349 -21.61 -8.50 9.29
CA ALA A 349 -21.23 -9.91 9.19
C ALA A 349 -21.51 -10.59 10.54
N ILE A 350 -21.40 -9.82 11.62
CA ILE A 350 -21.81 -10.28 12.94
C ILE A 350 -22.54 -9.12 13.62
N VAL A 351 -23.68 -9.43 14.23
CA VAL A 351 -24.37 -8.48 15.08
C VAL A 351 -24.59 -9.12 16.45
N ASP A 352 -24.92 -8.31 17.44
CA ASP A 352 -25.22 -8.85 18.76
C ASP A 352 -26.73 -9.04 18.92
N THR A 353 -27.16 -9.34 20.15
CA THR A 353 -28.56 -9.61 20.37
C THR A 353 -29.41 -8.33 20.25
N ASP A 354 -28.75 -7.17 20.33
CA ASP A 354 -29.41 -5.89 20.14
C ASP A 354 -29.55 -5.52 18.68
N GLY A 355 -28.88 -6.27 17.81
CA GLY A 355 -28.77 -5.90 16.40
C GLY A 355 -27.55 -5.03 16.12
N SER A 356 -26.80 -4.68 17.17
CA SER A 356 -25.58 -3.87 17.02
C SER A 356 -24.47 -4.61 16.28
N GLU A 357 -24.01 -4.00 15.18
CA GLU A 357 -22.91 -4.55 14.39
C GLU A 357 -21.61 -4.64 15.18
N VAL A 358 -20.80 -5.64 14.86
CA VAL A 358 -19.54 -5.86 15.54
C VAL A 358 -18.43 -5.05 14.85
N PHE A 359 -17.45 -4.59 15.62
CA PHE A 359 -16.28 -3.92 15.03
C PHE A 359 -15.53 -4.76 14.00
N GLU A 360 -15.38 -4.20 12.82
CA GLU A 360 -14.80 -4.91 11.68
C GLU A 360 -13.30 -5.20 11.90
N GLY A 361 -12.58 -4.29 12.56
CA GLY A 361 -11.16 -4.51 12.82
C GLY A 361 -10.89 -5.69 13.73
N ILE A 362 -11.78 -5.90 14.70
CA ILE A 362 -11.68 -7.04 15.59
C ILE A 362 -11.91 -8.32 14.77
N MET A 363 -12.95 -8.30 13.94
CA MET A 363 -13.21 -9.44 13.07
C MET A 363 -12.02 -9.74 12.17
N ASP A 364 -11.49 -8.70 11.52
CA ASP A 364 -10.33 -8.90 10.65
C ASP A 364 -9.16 -9.61 11.36
N ALA A 365 -8.86 -9.21 12.59
CA ALA A 365 -7.76 -9.85 13.32
C ALA A 365 -8.01 -11.34 13.54
N LEU A 366 -9.21 -11.66 13.99
CA LEU A 366 -9.59 -13.04 14.21
C LEU A 366 -9.52 -13.85 12.92
N PHE A 367 -10.22 -13.39 11.90
CA PHE A 367 -10.35 -14.16 10.66
C PHE A 367 -9.12 -14.14 9.74
N THR A 368 -8.54 -12.97 9.47
CA THR A 368 -7.33 -12.95 8.64
C THR A 368 -6.18 -13.60 9.41
N GLY A 369 -6.24 -13.51 10.73
CA GLY A 369 -5.29 -14.18 11.59
C GLY A 369 -5.44 -15.70 11.52
N LEU A 370 -6.66 -16.19 11.73
CA LEU A 370 -6.97 -17.62 11.56
C LEU A 370 -6.49 -18.12 10.21
N ILE A 371 -6.87 -17.39 9.17
CA ILE A 371 -6.57 -17.78 7.81
C ILE A 371 -5.06 -17.83 7.52
N ALA A 372 -4.31 -16.86 8.04
CA ALA A 372 -2.86 -16.81 7.80
C ALA A 372 -2.12 -18.01 8.39
N ILE A 373 -2.75 -18.76 9.30
CA ILE A 373 -2.13 -19.98 9.79
C ILE A 373 -1.77 -20.93 8.63
N HIS A 374 -2.65 -21.01 7.63
CA HIS A 374 -2.37 -21.85 6.46
C HIS A 374 -1.09 -21.44 5.70
N GLY A 375 -0.68 -20.18 5.83
CA GLY A 375 0.53 -19.71 5.16
C GLY A 375 1.80 -20.15 5.87
N LEU A 376 1.65 -20.67 7.08
CA LEU A 376 2.79 -21.20 7.84
C LEU A 376 2.96 -22.72 7.70
N LYS A 377 2.09 -23.34 6.89
CA LYS A 377 2.08 -24.80 6.69
C LYS A 377 2.28 -25.13 5.23
N ALA A 378 2.68 -26.37 4.99
CA ALA A 378 2.85 -26.91 3.64
C ALA A 378 1.63 -26.73 2.75
N SER A 379 1.90 -26.26 1.54
CA SER A 379 0.89 -26.17 0.49
C SER A 379 0.88 -27.41 -0.39
N ASP A 380 -0.24 -28.12 -0.43
CA ASP A 380 -0.35 -29.32 -1.24
C ASP A 380 -0.62 -29.02 -2.72
N GLY A 383 3.68 -28.55 -2.21
CA GLY A 383 4.87 -27.73 -2.15
C GLY A 383 5.19 -27.30 -0.72
N PRO A 384 6.38 -26.73 -0.52
CA PRO A 384 6.70 -26.07 0.75
C PRO A 384 5.64 -25.04 1.11
N LEU A 385 5.61 -24.62 2.38
CA LEU A 385 4.69 -23.55 2.82
C LEU A 385 4.78 -22.29 1.95
N ILE A 386 3.69 -21.54 1.91
CA ILE A 386 3.60 -20.42 0.98
C ILE A 386 4.31 -19.17 1.49
N ASN A 387 4.09 -18.80 2.75
CA ASN A 387 4.44 -17.44 3.20
C ASN A 387 5.64 -17.28 4.13
N SER A 388 5.40 -17.24 5.44
CA SER A 388 6.47 -16.96 6.39
C SER A 388 7.19 -18.19 6.93
N ARG A 389 8.45 -18.34 6.55
CA ARG A 389 9.21 -19.49 7.02
C ARG A 389 9.60 -19.31 8.49
N THR A 390 9.62 -18.07 8.95
CA THR A 390 10.06 -17.79 10.32
C THR A 390 8.88 -17.82 11.31
N GLY A 391 7.70 -18.13 10.80
CA GLY A 391 6.53 -18.30 11.66
C GLY A 391 5.76 -17.03 12.02
N SER A 392 5.88 -15.98 11.22
CA SER A 392 5.17 -14.73 11.52
C SER A 392 3.90 -14.54 10.68
N ILE A 393 2.93 -13.85 11.26
CA ILE A 393 1.80 -13.34 10.49
C ILE A 393 1.90 -11.80 10.48
N TYR A 394 1.82 -11.21 9.29
CA TYR A 394 2.13 -9.78 9.09
C TYR A 394 0.89 -9.00 8.72
N ILE A 395 0.46 -8.13 9.62
CA ILE A 395 -0.79 -7.40 9.47
C ILE A 395 -0.57 -5.89 9.49
N VAL A 396 -0.85 -5.26 8.36
CA VAL A 396 -0.77 -3.80 8.29
C VAL A 396 -2.04 -3.25 8.96
N LYS A 397 -1.87 -2.34 9.92
CA LYS A 397 -3.00 -1.74 10.61
C LYS A 397 -3.09 -0.26 10.33
N PRO A 398 -4.13 0.19 9.59
CA PRO A 398 -4.27 1.56 9.10
C PRO A 398 -5.05 2.44 10.07
N LYS A 399 -4.96 3.75 9.84
CA LYS A 399 -5.79 4.76 10.50
C LYS A 399 -5.83 4.76 12.03
N MET A 400 -4.73 4.39 12.67
CA MET A 400 -4.62 4.53 14.12
C MET A 400 -4.21 5.96 14.52
N HIS A 401 -4.77 6.46 15.62
CA HIS A 401 -4.46 7.79 16.15
C HIS A 401 -3.84 7.68 17.55
N GLY A 402 -2.51 7.74 17.64
CA GLY A 402 -1.82 7.81 18.91
C GLY A 402 -1.41 6.46 19.50
N PRO A 403 -0.53 6.47 20.52
CA PRO A 403 -0.02 5.21 21.08
C PRO A 403 -1.06 4.32 21.76
N ALA A 404 -2.10 4.90 22.35
CA ALA A 404 -3.15 4.10 22.98
C ALA A 404 -3.84 3.23 21.94
N GLU A 405 -4.08 3.76 20.75
CA GLU A 405 -4.70 2.97 19.68
C GLU A 405 -3.77 1.85 19.17
N VAL A 406 -2.48 2.13 19.18
CA VAL A 406 -1.49 1.10 18.85
C VAL A 406 -1.47 -0.02 19.90
N ALA A 407 -1.59 0.36 21.18
CA ALA A 407 -1.55 -0.60 22.26
C ALA A 407 -2.78 -1.49 22.19
N PHE A 408 -3.93 -0.88 21.87
CA PHE A 408 -5.14 -1.63 21.73
C PHE A 408 -5.00 -2.69 20.64
N THR A 409 -4.42 -2.30 19.50
CA THR A 409 -4.22 -3.26 18.43
C THR A 409 -3.34 -4.42 18.90
N CYS A 410 -2.26 -4.11 19.60
CA CYS A 410 -1.37 -5.14 20.13
C CYS A 410 -2.07 -6.06 21.13
N GLU A 411 -2.93 -5.49 21.98
CA GLU A 411 -3.72 -6.30 22.90
C GLU A 411 -4.72 -7.18 22.14
N LEU A 412 -5.36 -6.61 21.13
CA LEU A 412 -6.22 -7.41 20.24
C LEU A 412 -5.49 -8.60 19.64
N PHE A 413 -4.30 -8.35 19.08
CA PHE A 413 -3.50 -9.41 18.50
C PHE A 413 -3.12 -10.49 19.53
N SER A 414 -2.73 -10.05 20.72
CA SER A 414 -2.43 -10.95 21.83
C SER A 414 -3.61 -11.88 22.11
N ARG A 415 -4.79 -11.29 22.28
CA ARG A 415 -6.01 -12.05 22.56
C ARG A 415 -6.38 -13.02 21.43
N VAL A 416 -6.14 -12.57 20.19
CA VAL A 416 -6.41 -13.42 19.04
C VAL A 416 -5.43 -14.59 19.04
N GLU A 417 -4.16 -14.30 19.35
CA GLU A 417 -3.13 -15.34 19.45
C GLU A 417 -3.53 -16.45 20.44
N ASP A 418 -4.22 -16.08 21.52
CA ASP A 418 -4.69 -17.05 22.49
C ASP A 418 -5.76 -17.92 21.87
N VAL A 419 -6.72 -17.28 21.21
CA VAL A 419 -7.83 -18.00 20.60
C VAL A 419 -7.34 -18.97 19.53
N LEU A 420 -6.25 -18.61 18.86
CA LEU A 420 -5.74 -19.37 17.72
C LEU A 420 -4.70 -20.40 18.14
N GLY A 421 -4.33 -20.38 19.42
CA GLY A 421 -3.33 -21.29 19.92
C GLY A 421 -1.97 -20.97 19.32
N LEU A 422 -1.79 -19.69 18.95
CA LEU A 422 -0.52 -19.23 18.41
C LEU A 422 0.36 -18.68 19.53
N PRO A 423 1.68 -18.77 19.36
CA PRO A 423 2.63 -18.16 20.26
C PRO A 423 2.37 -16.66 20.32
N GLN A 424 2.64 -16.04 21.46
CA GLN A 424 2.51 -14.59 21.58
C GLN A 424 3.48 -13.89 20.63
N ASN A 425 3.02 -12.78 20.05
CA ASN A 425 3.78 -11.98 19.09
C ASN A 425 3.98 -12.60 17.70
N THR A 426 3.26 -13.68 17.42
CA THR A 426 3.24 -14.26 16.08
C THR A 426 2.68 -13.24 15.11
N MET A 427 1.69 -12.49 15.59
CA MET A 427 0.98 -11.50 14.79
C MET A 427 1.69 -10.15 14.85
N LYS A 428 2.42 -9.86 13.78
CA LYS A 428 3.25 -8.66 13.69
C LYS A 428 2.45 -7.48 13.16
N ILE A 429 2.93 -6.26 13.40
CA ILE A 429 2.14 -5.11 13.01
C ILE A 429 2.91 -4.16 12.12
N GLY A 430 2.31 -3.84 10.97
CA GLY A 430 2.83 -2.78 10.14
C GLY A 430 2.06 -1.54 10.50
N ILE A 431 2.74 -0.58 11.13
CA ILE A 431 2.09 0.67 11.55
C ILE A 431 2.03 1.68 10.42
N MET A 432 0.83 1.99 9.97
CA MET A 432 0.69 3.13 9.09
C MET A 432 0.71 4.39 9.89
N ASP A 433 1.55 5.34 9.45
CA ASP A 433 1.60 6.66 10.03
C ASP A 433 0.87 7.51 9.00
N GLU A 434 -0.42 7.68 9.23
CA GLU A 434 -1.25 8.37 8.28
C GLU A 434 -2.32 9.20 8.98
N GLU A 435 -2.13 9.45 10.27
CA GLU A 435 -3.03 10.25 11.08
C GLU A 435 -2.13 11.16 11.92
N ARG A 436 -2.51 12.42 12.07
CA ARG A 436 -1.63 13.41 12.70
C ARG A 436 -1.34 13.10 14.16
N ARG A 437 -2.29 12.53 14.87
CA ARG A 437 -2.03 12.19 16.28
C ARG A 437 -1.02 11.04 16.40
N THR A 438 -0.90 10.22 15.37
CA THR A 438 0.17 9.24 15.33
C THR A 438 1.50 9.91 14.95
N THR A 439 1.50 10.66 13.86
CA THR A 439 2.67 11.42 13.44
C THR A 439 3.39 12.13 14.60
N VAL A 440 2.68 12.94 15.37
CA VAL A 440 3.32 13.75 16.40
C VAL A 440 3.66 12.98 17.68
N ASN A 441 3.18 11.74 17.75
CA ASN A 441 3.50 10.84 18.86
C ASN A 441 4.12 9.55 18.35
N LEU A 442 4.89 9.62 17.27
CA LEU A 442 5.31 8.41 16.54
C LEU A 442 6.21 7.46 17.34
N LYS A 443 7.18 8.03 18.04
CA LYS A 443 8.11 7.24 18.86
C LYS A 443 7.33 6.38 19.85
N ALA A 444 6.36 7.02 20.50
CA ALA A 444 5.47 6.36 21.44
C ALA A 444 4.64 5.25 20.80
N CYS A 445 4.19 5.47 19.57
CA CYS A 445 3.43 4.45 18.86
C CYS A 445 4.30 3.24 18.52
N ILE A 446 5.56 3.50 18.18
CA ILE A 446 6.50 2.43 17.88
C ILE A 446 6.78 1.65 19.18
N LYS A 447 6.97 2.37 20.27
CA LYS A 447 7.26 1.73 21.55
C LYS A 447 6.09 0.88 22.03
N ALA A 448 4.88 1.36 21.80
CA ALA A 448 3.70 0.59 22.17
C ALA A 448 3.67 -0.76 21.46
N ALA A 449 4.26 -0.83 20.27
CA ALA A 449 4.36 -2.07 19.50
C ALA A 449 5.81 -2.57 19.35
N ALA A 450 6.67 -2.26 20.32
CA ALA A 450 8.10 -2.53 20.18
C ALA A 450 8.48 -4.02 19.99
N ASP A 451 7.57 -4.93 20.33
CA ASP A 451 7.83 -6.35 20.18
C ASP A 451 7.00 -7.01 19.06
N ARG A 452 6.34 -6.18 18.26
CA ARG A 452 5.50 -6.67 17.16
C ARG A 452 5.74 -5.92 15.85
N VAL A 453 6.36 -4.75 15.92
CA VAL A 453 6.39 -3.89 14.74
C VAL A 453 7.41 -4.35 13.67
N VAL A 454 6.92 -4.52 12.45
CA VAL A 454 7.74 -4.93 11.31
C VAL A 454 7.83 -3.85 10.23
N PHE A 455 7.01 -2.79 10.36
CA PHE A 455 7.19 -1.60 9.52
C PHE A 455 6.52 -0.35 10.04
N ILE A 456 6.98 0.79 9.55
CA ILE A 456 6.15 1.98 9.56
C ILE A 456 6.14 2.50 8.16
N ASN A 457 5.11 3.25 7.84
CA ASN A 457 4.97 3.72 6.48
C ASN A 457 4.25 5.07 6.50
N THR A 458 4.66 5.99 5.64
CA THR A 458 3.94 7.26 5.53
C THR A 458 2.79 7.17 4.54
N GLY A 459 1.59 6.88 5.05
CA GLY A 459 0.35 6.88 4.28
C GLY A 459 -0.17 8.28 3.95
N PHE A 460 0.43 8.93 2.95
CA PHE A 460 0.25 10.39 2.73
C PHE A 460 -1.10 10.97 2.20
N LEU A 461 -1.87 10.21 1.42
CA LEU A 461 -3.18 10.71 1.03
C LEU A 461 -4.07 10.77 2.29
N ASP A 462 -4.15 9.66 3.02
CA ASP A 462 -4.90 9.65 4.25
C ASP A 462 -4.38 10.71 5.20
N ARG A 463 -3.05 10.84 5.32
CA ARG A 463 -2.48 11.77 6.29
C ARG A 463 -2.95 13.20 5.95
N THR A 464 -3.03 13.50 4.66
CA THR A 464 -3.48 14.82 4.24
C THR A 464 -4.96 15.05 4.57
N GLY A 465 -5.77 14.01 4.40
CA GLY A 465 -7.15 14.07 4.85
C GLY A 465 -7.24 14.39 6.34
N ASP A 466 -6.47 13.68 7.17
CA ASP A 466 -6.48 13.97 8.60
C ASP A 466 -6.01 15.38 8.91
N GLU A 467 -4.99 15.83 8.18
CA GLU A 467 -4.47 17.19 8.34
C GLU A 467 -5.59 18.19 8.15
N ILE A 468 -6.31 18.06 7.06
CA ILE A 468 -7.42 18.97 6.75
C ILE A 468 -8.53 18.94 7.81
N HIS A 469 -9.01 17.74 8.15
CA HIS A 469 -10.08 17.65 9.13
C HIS A 469 -9.69 18.24 10.46
N THR A 470 -8.48 17.93 10.91
CA THR A 470 -8.04 18.31 12.24
C THR A 470 -8.06 19.83 12.42
N SER A 471 -7.60 20.56 11.41
CA SER A 471 -7.56 22.02 11.48
C SER A 471 -8.63 22.67 10.61
N MET A 472 -9.70 21.92 10.37
CA MET A 472 -10.85 22.37 9.59
C MET A 472 -11.35 23.77 10.00
N GLU A 473 -11.38 24.02 11.31
CA GLU A 473 -11.86 25.32 11.82
C GLU A 473 -10.82 26.45 11.73
N ALA A 474 -9.56 26.12 11.42
CA ALA A 474 -8.48 27.13 11.40
C ALA A 474 -8.59 28.16 10.26
N GLY A 475 -9.15 27.76 9.13
CA GLY A 475 -9.20 28.63 7.97
C GLY A 475 -9.07 27.81 6.70
N PRO A 476 -9.15 28.48 5.54
CA PRO A 476 -9.07 27.77 4.26
C PRO A 476 -7.70 27.13 4.04
N MET A 477 -7.69 25.87 3.64
CA MET A 477 -6.46 25.15 3.30
C MET A 477 -6.02 25.42 1.86
N VAL A 478 -4.75 25.16 1.59
CA VAL A 478 -4.19 25.27 0.27
C VAL A 478 -4.76 24.17 -0.59
N ARG A 479 -4.60 24.30 -1.91
CA ARG A 479 -5.12 23.33 -2.87
C ARG A 479 -4.53 21.95 -2.66
N LYS A 480 -5.24 20.94 -3.15
CA LYS A 480 -4.81 19.55 -3.01
C LYS A 480 -3.43 19.31 -3.62
N GLY A 481 -3.17 19.90 -4.78
CA GLY A 481 -1.89 19.70 -5.44
C GLY A 481 -0.75 20.33 -4.66
N THR A 482 -1.07 21.36 -3.89
CA THR A 482 -0.08 22.09 -3.10
C THR A 482 0.34 21.32 -1.85
N MET A 483 -0.56 20.45 -1.37
CA MET A 483 -0.35 19.75 -0.11
C MET A 483 0.91 18.92 -0.09
N LYS A 484 1.25 18.32 -1.22
CA LYS A 484 2.39 17.39 -1.28
C LYS A 484 3.75 18.07 -1.09
N SER A 485 3.78 19.40 -1.06
CA SER A 485 5.05 20.12 -0.94
C SER A 485 5.03 21.06 0.27
N GLN A 486 3.97 20.94 1.07
CA GLN A 486 3.78 21.78 2.25
C GLN A 486 4.75 21.40 3.34
N PRO A 487 5.17 22.38 4.15
CA PRO A 487 6.11 22.13 5.24
C PRO A 487 5.68 20.97 6.14
N TRP A 488 4.43 20.90 6.55
CA TRP A 488 4.01 19.83 7.46
C TRP A 488 4.30 18.43 6.93
N ILE A 489 4.06 18.20 5.63
CA ILE A 489 4.20 16.88 5.04
C ILE A 489 5.65 16.49 4.80
N LEU A 490 6.47 17.45 4.43
CA LEU A 490 7.88 17.16 4.24
C LEU A 490 8.51 16.85 5.60
N ALA A 491 8.08 17.54 6.64
CA ALA A 491 8.55 17.25 8.00
C ALA A 491 8.04 15.88 8.47
N TYR A 492 6.78 15.60 8.21
CA TYR A 492 6.19 14.29 8.49
C TYR A 492 7.00 13.15 7.87
N GLU A 493 7.42 13.32 6.61
CA GLU A 493 8.15 12.28 5.91
C GLU A 493 9.51 11.98 6.56
N ASP A 494 10.27 13.03 6.87
CA ASP A 494 11.58 12.87 7.50
C ASP A 494 11.46 12.37 8.93
N HIS A 495 10.47 12.91 9.63
CA HIS A 495 10.26 12.53 11.01
C HIS A 495 9.96 11.03 11.13
N ASN A 496 9.30 10.49 10.12
CA ASN A 496 8.91 9.08 10.14
C ASN A 496 10.17 8.21 10.04
N VAL A 497 10.97 8.48 9.02
CA VAL A 497 12.30 7.88 8.91
C VAL A 497 13.14 8.03 10.18
N ASP A 498 13.25 9.25 10.69
CA ASP A 498 14.02 9.50 11.92
C ASP A 498 13.58 8.62 13.10
N ALA A 499 12.26 8.55 13.30
CA ALA A 499 11.69 7.73 14.36
C ALA A 499 12.02 6.26 14.18
N GLY A 500 11.94 5.80 12.93
CA GLY A 500 12.15 4.39 12.66
C GLY A 500 13.60 4.01 12.94
N LEU A 501 14.53 4.75 12.33
CA LEU A 501 15.96 4.45 12.47
C LEU A 501 16.44 4.53 13.92
N ALA A 502 15.99 5.55 14.66
CA ALA A 502 16.31 5.72 16.08
C ALA A 502 15.77 4.58 16.94
N ALA A 503 14.69 3.94 16.49
CA ALA A 503 14.12 2.81 17.22
C ALA A 503 14.74 1.50 16.73
N GLY A 504 15.69 1.63 15.81
CA GLY A 504 16.52 0.52 15.38
C GLY A 504 15.92 -0.31 14.26
N PHE A 505 15.18 0.35 13.38
CA PHE A 505 14.54 -0.35 12.26
C PHE A 505 15.56 -0.91 11.28
N SER A 506 16.70 -0.24 11.16
CA SER A 506 17.73 -0.70 10.23
C SER A 506 18.17 -2.14 10.54
N GLY A 507 17.91 -3.03 9.59
CA GLY A 507 18.19 -4.44 9.77
C GLY A 507 17.17 -5.18 10.60
N ARG A 508 16.05 -4.51 10.94
CA ARG A 508 14.99 -5.11 11.76
C ARG A 508 13.57 -4.97 11.18
N ALA A 509 13.25 -3.79 10.65
CA ALA A 509 11.88 -3.49 10.21
C ALA A 509 11.90 -2.56 9.01
N GLN A 510 10.83 -2.58 8.23
CA GLN A 510 10.77 -1.71 7.05
C GLN A 510 10.47 -0.26 7.42
N VAL A 511 11.15 0.67 6.76
CA VAL A 511 10.75 2.07 6.81
C VAL A 511 10.23 2.38 5.42
N GLY A 512 8.92 2.58 5.32
CA GLY A 512 8.24 2.61 4.04
C GLY A 512 7.68 3.97 3.67
N LYS A 513 7.62 4.25 2.37
CA LYS A 513 6.98 5.46 1.87
C LYS A 513 5.87 5.13 0.85
N GLY A 514 5.15 6.17 0.43
CA GLY A 514 3.86 6.00 -0.25
C GLY A 514 3.81 5.62 -1.71
N MET A 515 2.59 5.53 -2.21
CA MET A 515 2.28 5.03 -3.55
C MET A 515 2.60 6.03 -4.67
N TRP A 516 3.15 5.51 -5.76
CA TRP A 516 3.16 6.25 -7.02
C TRP A 516 1.84 5.92 -7.70
N THR A 517 0.96 6.91 -7.82
CA THR A 517 -0.39 6.67 -8.29
C THR A 517 -0.58 6.81 -9.80
N MET A 518 0.40 7.39 -10.48
CA MET A 518 0.27 7.64 -11.91
C MET A 518 0.77 6.45 -12.69
N THR A 519 -0.13 5.52 -12.93
CA THR A 519 0.22 4.22 -13.46
C THR A 519 0.84 4.24 -14.86
N GLU A 520 0.52 5.23 -15.67
CA GLU A 520 1.08 5.26 -17.03
C GLU A 520 2.30 6.20 -17.12
N LEU A 521 2.55 6.98 -16.08
CA LEU A 521 3.69 7.88 -16.10
C LEU A 521 4.90 7.21 -15.46
N MET A 522 5.46 6.22 -16.17
CA MET A 522 6.59 5.46 -15.62
C MET A 522 7.95 6.14 -15.79
N ALA A 523 8.13 6.90 -16.86
CA ALA A 523 9.35 7.69 -17.01
C ALA A 523 9.45 8.60 -15.79
N ASP A 524 8.35 9.28 -15.48
CA ASP A 524 8.31 10.18 -14.34
C ASP A 524 8.60 9.46 -13.04
N MET A 525 8.07 8.24 -12.88
CA MET A 525 8.33 7.47 -11.68
C MET A 525 9.82 7.16 -11.54
N VAL A 526 10.40 6.65 -12.62
CA VAL A 526 11.81 6.27 -12.63
C VAL A 526 12.67 7.50 -12.34
N GLU A 527 12.26 8.63 -12.89
CA GLU A 527 13.04 9.85 -12.71
C GLU A 527 12.93 10.35 -11.27
N THR A 528 11.74 10.28 -10.66
CA THR A 528 11.52 10.96 -9.39
C THR A 528 11.36 10.09 -8.12
N LYS A 529 10.77 8.89 -8.24
CA LYS A 529 10.52 8.04 -7.06
C LYS A 529 11.83 7.63 -6.36
N ILE A 530 12.96 7.74 -7.06
CA ILE A 530 14.27 7.52 -6.48
C ILE A 530 14.51 8.33 -5.19
N ALA A 531 13.79 9.44 -5.04
CA ALA A 531 13.85 10.24 -3.81
C ALA A 531 13.56 9.42 -2.55
N GLN A 532 12.68 8.44 -2.68
CA GLN A 532 12.27 7.71 -1.50
C GLN A 532 13.39 6.84 -0.90
N PRO A 533 14.01 5.97 -1.70
CA PRO A 533 15.15 5.29 -1.07
C PRO A 533 16.34 6.22 -0.77
N ARG A 534 16.46 7.36 -1.46
CA ARG A 534 17.51 8.31 -1.09
C ARG A 534 17.21 8.92 0.26
N ALA A 535 15.94 8.84 0.67
CA ALA A 535 15.50 9.39 1.95
C ALA A 535 15.61 8.37 3.09
N GLY A 536 16.18 7.21 2.82
CA GLY A 536 16.34 6.18 3.82
C GLY A 536 15.19 5.17 3.92
N ALA A 537 14.29 5.18 2.95
CA ALA A 537 13.16 4.24 2.98
C ALA A 537 13.60 2.88 2.46
N SER A 538 13.42 1.82 3.25
CA SER A 538 13.76 0.47 2.81
C SER A 538 12.68 -0.14 1.93
N THR A 539 11.54 0.55 1.80
CA THR A 539 10.53 0.12 0.85
C THR A 539 9.60 1.26 0.51
N ALA A 540 8.91 1.11 -0.62
CA ALA A 540 7.90 2.07 -1.04
C ALA A 540 6.84 1.40 -1.91
N TRP A 541 5.67 2.03 -2.00
CA TRP A 541 4.54 1.40 -2.65
C TRP A 541 4.47 1.66 -4.15
N VAL A 542 4.18 0.59 -4.90
CA VAL A 542 4.00 0.67 -6.34
C VAL A 542 2.65 0.05 -6.67
N PRO A 543 2.02 0.51 -7.77
CA PRO A 543 0.62 0.14 -8.04
C PRO A 543 0.43 -1.09 -8.95
N SER A 544 1.51 -1.74 -9.35
CA SER A 544 1.44 -2.84 -10.31
C SER A 544 2.78 -3.59 -10.37
N PRO A 545 2.76 -4.85 -10.84
CA PRO A 545 4.01 -5.59 -11.04
C PRO A 545 4.99 -4.81 -11.92
N THR A 546 4.48 -4.16 -12.97
CA THR A 546 5.35 -3.41 -13.89
C THR A 546 6.08 -2.29 -13.17
N ALA A 547 5.36 -1.53 -12.35
CA ALA A 547 5.97 -0.46 -11.60
C ALA A 547 6.91 -0.99 -10.53
N ALA A 548 6.66 -2.20 -10.03
CA ALA A 548 7.57 -2.85 -9.08
C ALA A 548 8.94 -3.13 -9.72
N THR A 549 8.93 -3.65 -10.94
CA THR A 549 10.15 -3.95 -11.70
C THR A 549 10.98 -2.69 -11.95
N LEU A 550 10.28 -1.61 -12.26
CA LEU A 550 10.90 -0.32 -12.53
C LEU A 550 11.39 0.37 -11.25
N HIS A 551 10.64 0.29 -10.16
CA HIS A 551 11.06 0.91 -8.90
C HIS A 551 12.25 0.14 -8.34
N ALA A 552 12.37 -1.12 -8.71
CA ALA A 552 13.52 -1.94 -8.28
C ALA A 552 14.84 -1.29 -8.70
N LEU A 553 14.86 -0.74 -9.91
CA LEU A 553 16.06 -0.04 -10.42
C LEU A 553 16.63 0.92 -9.38
N HIS A 554 15.75 1.62 -8.69
CA HIS A 554 16.14 2.62 -7.71
C HIS A 554 16.95 2.04 -6.56
N TYR A 555 16.62 0.80 -6.19
CA TYR A 555 17.27 0.14 -5.07
C TYR A 555 18.65 -0.39 -5.49
N HIS A 556 18.85 -0.52 -6.80
CA HIS A 556 20.18 -0.86 -7.31
C HIS A 556 21.09 0.37 -7.38
N GLN A 557 20.51 1.54 -7.63
CA GLN A 557 21.31 2.75 -7.75
C GLN A 557 21.60 3.30 -6.37
N VAL A 558 20.69 3.06 -5.43
CA VAL A 558 20.80 3.61 -4.10
C VAL A 558 21.08 2.53 -3.05
N ASP A 559 22.13 2.75 -2.27
CA ASP A 559 22.46 1.88 -1.16
C ASP A 559 21.70 2.31 0.09
N VAL A 560 20.44 1.87 0.17
CA VAL A 560 19.55 2.18 1.30
C VAL A 560 20.18 1.89 2.66
N ALA A 561 20.87 0.76 2.79
CA ALA A 561 21.49 0.40 4.05
C ALA A 561 22.48 1.49 4.48
N ALA A 562 23.31 1.91 3.54
CA ALA A 562 24.27 2.98 3.79
C ALA A 562 23.56 4.30 4.06
N VAL A 563 22.47 4.55 3.34
CA VAL A 563 21.72 5.79 3.51
C VAL A 563 21.19 5.86 4.92
N GLN A 564 20.71 4.72 5.42
CA GLN A 564 20.14 4.67 6.76
C GLN A 564 21.20 4.86 7.83
N GLN A 565 22.37 4.24 7.64
CA GLN A 565 23.48 4.35 8.59
C GLN A 565 23.91 5.80 8.73
N GLY A 566 23.91 6.54 7.63
CA GLY A 566 24.32 7.94 7.62
C GLY A 566 23.31 8.87 8.27
N LEU A 567 22.03 8.46 8.28
CA LEU A 567 20.98 9.28 8.89
C LEU A 567 20.87 9.07 10.40
N ALA A 568 21.61 8.09 10.92
CA ALA A 568 21.54 7.70 12.34
C ALA A 568 21.73 8.87 13.31
N GLY A 569 20.81 8.96 14.27
CA GLY A 569 20.92 9.96 15.33
C GLY A 569 20.61 11.38 14.92
N LYS A 570 20.19 11.57 13.67
CA LYS A 570 19.80 12.90 13.20
C LYS A 570 18.34 13.16 13.52
N ARG A 571 18.01 14.43 13.74
CA ARG A 571 16.64 14.83 13.95
C ARG A 571 16.35 15.97 12.99
N ARG A 572 15.70 15.63 11.88
CA ARG A 572 15.56 16.56 10.76
C ARG A 572 14.21 17.28 10.72
N ALA A 573 13.35 16.98 11.67
CA ALA A 573 12.05 17.65 11.75
C ALA A 573 11.72 17.99 13.20
N THR A 574 11.24 19.21 13.44
CA THR A 574 10.82 19.60 14.78
C THR A 574 9.33 19.35 14.98
N ILE A 575 8.88 19.36 16.23
CA ILE A 575 7.45 19.32 16.49
C ILE A 575 6.74 20.54 15.84
N GLU A 576 7.39 21.72 15.86
CA GLU A 576 6.80 22.93 15.25
C GLU A 576 6.54 22.76 13.75
N GLN A 577 7.50 22.14 13.06
CA GLN A 577 7.33 21.86 11.64
C GLN A 577 6.17 20.87 11.39
N LEU A 578 6.09 19.83 12.21
CA LEU A 578 5.00 18.85 12.06
C LEU A 578 3.64 19.54 12.21
N LEU A 579 3.61 20.53 13.08
CA LEU A 579 2.39 21.19 13.50
C LEU A 579 2.03 22.40 12.63
N THR A 580 2.78 22.61 11.56
CA THR A 580 2.54 23.75 10.71
C THR A 580 1.37 23.52 9.77
N ILE A 581 0.24 24.10 10.13
CA ILE A 581 -1.04 23.87 9.46
C ILE A 581 -1.04 24.43 8.05
N PRO A 582 -1.47 23.64 7.05
CA PRO A 582 -1.42 24.12 5.66
C PRO A 582 -2.46 25.20 5.29
N LEU A 583 -2.55 26.26 6.07
CA LEU A 583 -3.45 27.39 5.80
C LEU A 583 -3.03 28.14 4.54
N ALA A 584 -3.97 28.40 3.64
CA ALA A 584 -3.67 29.22 2.47
C ALA A 584 -3.48 30.67 2.89
N LYS A 585 -2.60 31.38 2.20
CA LYS A 585 -2.34 32.78 2.50
C LYS A 585 -3.50 33.62 2.01
N GLU A 586 -3.55 34.87 2.45
CA GLU A 586 -4.63 35.78 2.05
C GLU A 586 -4.60 35.99 0.54
N LEU A 587 -5.78 36.01 -0.08
CA LEU A 587 -5.91 36.29 -1.51
C LEU A 587 -5.08 35.35 -2.41
N ALA A 588 -5.03 34.07 -2.06
CA ALA A 588 -4.14 33.12 -2.72
C ALA A 588 -4.52 32.79 -4.16
N TRP A 589 -5.81 32.89 -4.48
CA TRP A 589 -6.33 32.36 -5.73
C TRP A 589 -7.21 33.33 -6.51
N ALA A 590 -6.98 33.38 -7.82
CA ALA A 590 -7.89 34.06 -8.74
C ALA A 590 -9.17 33.25 -8.85
N PRO A 591 -10.24 33.84 -9.41
CA PRO A 591 -11.48 33.05 -9.52
C PRO A 591 -11.32 31.79 -10.37
N ASP A 592 -10.55 31.86 -11.45
CA ASP A 592 -10.41 30.71 -12.36
C ASP A 592 -9.71 29.53 -11.67
N GLU A 593 -8.73 29.83 -10.83
CA GLU A 593 -8.00 28.82 -10.10
C GLU A 593 -8.91 28.14 -9.10
N ILE A 594 -9.80 28.91 -8.48
CA ILE A 594 -10.76 28.33 -7.53
C ILE A 594 -11.66 27.33 -8.24
N ARG A 595 -12.18 27.71 -9.41
CA ARG A 595 -13.03 26.82 -10.21
C ARG A 595 -12.32 25.54 -10.64
N GLU A 596 -11.05 25.66 -11.03
CA GLU A 596 -10.24 24.52 -11.40
C GLU A 596 -10.17 23.54 -10.25
N GLU A 597 -9.88 24.08 -9.08
CA GLU A 597 -9.67 23.26 -7.91
C GLU A 597 -10.95 22.55 -7.50
N VAL A 598 -12.08 23.26 -7.56
CA VAL A 598 -13.38 22.64 -7.30
C VAL A 598 -13.69 21.52 -8.29
N ASP A 599 -13.58 21.83 -9.59
CA ASP A 599 -13.79 20.81 -10.63
C ASP A 599 -12.88 19.62 -10.38
N ASN A 600 -11.60 19.92 -10.16
CA ASN A 600 -10.60 18.89 -9.84
C ASN A 600 -11.09 17.92 -8.77
N ASN A 601 -11.44 18.47 -7.62
CA ASN A 601 -11.91 17.68 -6.49
C ASN A 601 -13.26 16.99 -6.69
N CYS A 602 -14.21 17.67 -7.33
CA CYS A 602 -15.51 17.04 -7.58
C CYS A 602 -15.33 15.91 -8.57
N GLN A 603 -14.45 16.11 -9.55
CA GLN A 603 -14.18 15.06 -10.52
C GLN A 603 -13.51 13.86 -9.85
N SER A 604 -12.55 14.11 -8.96
CA SER A 604 -11.90 12.97 -8.32
C SER A 604 -12.85 12.22 -7.37
N ILE A 605 -13.76 12.93 -6.73
CA ILE A 605 -14.78 12.26 -5.91
C ILE A 605 -15.74 11.44 -6.79
N LEU A 606 -16.29 12.05 -7.83
CA LEU A 606 -17.24 11.36 -8.72
C LEU A 606 -16.61 10.17 -9.43
N GLY A 607 -15.42 10.39 -9.99
CA GLY A 607 -14.71 9.34 -10.70
C GLY A 607 -14.52 8.10 -9.85
N TYR A 608 -14.18 8.30 -8.57
CA TYR A 608 -13.91 7.17 -7.68
C TYR A 608 -15.23 6.58 -7.13
N VAL A 609 -16.08 7.44 -6.60
CA VAL A 609 -17.33 7.02 -5.98
C VAL A 609 -18.24 6.18 -6.90
N VAL A 610 -18.33 6.56 -8.18
CA VAL A 610 -19.20 5.84 -9.11
C VAL A 610 -18.83 4.36 -9.32
N ARG A 611 -17.52 4.06 -9.36
CA ARG A 611 -17.07 2.67 -9.44
C ARG A 611 -17.29 1.96 -8.11
N TRP A 612 -17.14 2.70 -7.01
CA TRP A 612 -17.28 2.13 -5.68
C TRP A 612 -18.72 1.70 -5.43
N VAL A 613 -19.63 2.66 -5.57
CA VAL A 613 -21.03 2.47 -5.24
C VAL A 613 -21.76 1.56 -6.26
N ASP A 614 -21.58 1.84 -7.54
CA ASP A 614 -22.25 1.09 -8.59
C ASP A 614 -21.66 -0.31 -8.80
N GLN A 615 -20.33 -0.45 -8.70
CA GLN A 615 -19.70 -1.73 -9.07
C GLN A 615 -18.86 -2.41 -7.98
N GLY A 616 -18.83 -1.82 -6.78
CA GLY A 616 -18.04 -2.38 -5.69
C GLY A 616 -16.55 -2.51 -5.98
N VAL A 617 -16.03 -1.58 -6.79
CA VAL A 617 -14.61 -1.55 -7.12
C VAL A 617 -13.98 -0.43 -6.30
N GLY A 618 -12.91 -0.76 -5.58
CA GLY A 618 -12.33 0.17 -4.64
C GLY A 618 -10.98 0.69 -5.11
N ALA A 619 -10.48 0.16 -6.21
CA ALA A 619 -9.24 0.63 -6.81
C ALA A 619 -9.16 0.21 -8.27
N SER A 620 -8.81 1.15 -9.13
CA SER A 620 -8.74 0.95 -10.57
C SER A 620 -7.96 2.10 -11.19
N LYS A 621 -7.72 2.03 -12.50
CA LYS A 621 -7.13 3.15 -13.20
C LYS A 621 -8.21 4.15 -13.55
N VAL A 622 -8.30 5.20 -12.74
CA VAL A 622 -9.34 6.20 -12.91
C VAL A 622 -8.75 7.42 -13.57
N PRO A 623 -9.30 7.80 -14.75
CA PRO A 623 -8.86 9.03 -15.43
C PRO A 623 -9.16 10.22 -14.53
N ASP A 624 -8.20 11.12 -14.36
CA ASP A 624 -8.45 12.33 -13.58
C ASP A 624 -9.00 13.42 -14.50
N ILE A 625 -9.09 14.64 -14.01
CA ILE A 625 -9.70 15.73 -14.77
C ILE A 625 -8.97 15.98 -16.11
N HIS A 626 -7.66 15.73 -16.14
CA HIS A 626 -6.84 15.91 -17.35
C HIS A 626 -6.57 14.59 -18.07
N ASP A 627 -7.41 13.60 -17.77
CA ASP A 627 -7.27 12.25 -18.30
C ASP A 627 -5.96 11.54 -17.96
N VAL A 628 -5.28 11.99 -16.92
CA VAL A 628 -4.14 11.24 -16.38
C VAL A 628 -4.64 10.04 -15.57
N ALA A 629 -4.16 8.83 -15.89
CA ALA A 629 -4.56 7.63 -15.18
C ALA A 629 -3.98 7.60 -13.76
N LEU A 630 -4.88 7.59 -12.77
CA LEU A 630 -4.50 7.49 -11.37
C LEU A 630 -5.08 6.23 -10.76
N MET A 631 -4.24 5.52 -10.02
CA MET A 631 -4.69 4.41 -9.21
C MET A 631 -4.58 4.77 -7.73
N GLU A 632 -5.69 5.23 -7.14
CA GLU A 632 -5.69 5.68 -5.75
C GLU A 632 -6.66 4.81 -4.97
N ASP A 633 -6.40 4.62 -3.68
CA ASP A 633 -7.39 3.99 -2.83
C ASP A 633 -8.37 5.05 -2.30
N ARG A 634 -9.24 4.64 -1.38
CA ARG A 634 -10.31 5.49 -0.84
C ARG A 634 -9.81 6.78 -0.16
N ALA A 635 -8.53 6.82 0.21
CA ALA A 635 -7.98 8.01 0.86
C ALA A 635 -8.08 9.25 -0.04
N THR A 636 -8.14 9.04 -1.36
CA THR A 636 -8.30 10.16 -2.27
C THR A 636 -9.66 10.87 -2.05
N LEU A 637 -10.64 10.09 -1.65
CA LEU A 637 -11.95 10.62 -1.32
C LEU A 637 -11.90 11.46 -0.05
N ARG A 638 -11.15 10.96 0.94
CA ARG A 638 -11.01 11.63 2.22
C ARG A 638 -10.43 13.02 1.98
N ILE A 639 -9.36 13.08 1.20
CA ILE A 639 -8.72 14.36 0.89
C ILE A 639 -9.67 15.33 0.19
N SER A 640 -10.22 14.90 -0.94
CA SER A 640 -10.99 15.80 -1.80
C SER A 640 -12.24 16.30 -1.09
N SER A 641 -12.93 15.38 -0.40
CA SER A 641 -14.15 15.77 0.30
C SER A 641 -13.83 16.68 1.50
N GLN A 642 -12.71 16.44 2.18
CA GLN A 642 -12.34 17.33 3.28
C GLN A 642 -11.95 18.71 2.76
N LEU A 643 -11.32 18.75 1.60
CA LEU A 643 -10.82 20.03 1.09
C LEU A 643 -12.00 20.88 0.65
N LEU A 644 -12.90 20.31 -0.13
CA LEU A 644 -14.12 21.00 -0.52
C LEU A 644 -14.94 21.44 0.70
N ALA A 645 -15.12 20.53 1.66
CA ALA A 645 -15.82 20.87 2.90
C ALA A 645 -15.13 22.03 3.61
N ASN A 646 -13.80 22.04 3.57
CA ASN A 646 -13.03 23.13 4.17
C ASN A 646 -13.24 24.47 3.47
N TRP A 647 -13.24 24.45 2.14
CA TRP A 647 -13.52 25.63 1.34
C TRP A 647 -14.95 26.13 1.48
N LEU A 648 -15.91 25.22 1.56
CA LEU A 648 -17.30 25.61 1.77
C LEU A 648 -17.44 26.22 3.17
N ARG A 649 -16.65 25.71 4.10
CA ARG A 649 -16.78 26.09 5.50
C ARG A 649 -16.31 27.51 5.74
N HIS A 650 -15.32 27.94 4.95
CA HIS A 650 -14.68 29.23 5.15
C HIS A 650 -14.99 30.23 4.04
N GLY A 651 -16.01 29.92 3.25
CA GLY A 651 -16.53 30.86 2.29
C GLY A 651 -15.70 31.05 1.04
N VAL A 652 -14.85 30.09 0.69
CA VAL A 652 -14.09 30.20 -0.57
C VAL A 652 -15.02 29.94 -1.76
N ILE A 653 -15.98 29.05 -1.53
CA ILE A 653 -16.94 28.66 -2.55
C ILE A 653 -18.33 28.57 -1.93
N THR A 654 -19.37 28.62 -2.77
CA THR A 654 -20.74 28.55 -2.31
C THR A 654 -21.28 27.15 -2.55
N SER A 655 -22.40 26.80 -1.92
CA SER A 655 -22.99 25.51 -2.16
C SER A 655 -23.48 25.37 -3.60
N ALA A 656 -23.74 26.48 -4.29
CA ALA A 656 -24.07 26.41 -5.72
C ALA A 656 -22.83 26.10 -6.57
N ASP A 657 -21.67 26.61 -6.14
CA ASP A 657 -20.42 26.25 -6.81
C ASP A 657 -20.20 24.73 -6.80
N VAL A 658 -20.43 24.13 -5.65
CA VAL A 658 -20.28 22.68 -5.51
C VAL A 658 -21.25 21.93 -6.41
N ARG A 659 -22.52 22.31 -6.34
CA ARG A 659 -23.54 21.69 -7.17
C ARG A 659 -23.18 21.81 -8.65
N ALA A 660 -22.80 23.02 -9.07
CA ALA A 660 -22.51 23.29 -10.47
C ALA A 660 -21.32 22.45 -10.92
N SER A 661 -20.31 22.38 -10.07
CA SER A 661 -19.16 21.54 -10.37
C SER A 661 -19.54 20.06 -10.45
N LEU A 662 -20.35 19.60 -9.50
CA LEU A 662 -20.78 18.21 -9.52
C LEU A 662 -21.50 17.91 -10.82
N GLU A 663 -22.38 18.83 -11.24
CA GLU A 663 -23.18 18.61 -12.43
C GLU A 663 -22.32 18.75 -13.69
N ARG A 664 -21.31 19.59 -13.61
CA ARG A 664 -20.42 19.82 -14.73
C ARG A 664 -19.51 18.61 -14.93
N MET A 665 -19.10 17.98 -13.83
CA MET A 665 -18.10 16.93 -13.88
C MET A 665 -18.70 15.54 -14.07
N ALA A 666 -19.93 15.36 -13.62
CA ALA A 666 -20.64 14.09 -13.79
C ALA A 666 -20.67 13.52 -15.22
N PRO A 667 -21.02 14.35 -16.24
CA PRO A 667 -21.04 13.75 -17.58
C PRO A 667 -19.62 13.45 -18.07
N LEU A 668 -18.66 14.27 -17.67
CA LEU A 668 -17.26 14.04 -18.03
C LEU A 668 -16.80 12.68 -17.52
N VAL A 669 -17.13 12.38 -16.26
CA VAL A 669 -16.85 11.07 -15.70
C VAL A 669 -17.62 9.98 -16.44
N ASP A 670 -18.87 10.29 -16.83
CA ASP A 670 -19.65 9.35 -17.63
C ASP A 670 -18.89 8.99 -18.91
N ARG A 671 -18.40 10.00 -19.62
CA ARG A 671 -17.69 9.73 -20.87
C ARG A 671 -16.37 9.01 -20.66
N GLN A 672 -15.72 9.27 -19.53
CA GLN A 672 -14.48 8.59 -19.16
C GLN A 672 -14.70 7.10 -18.88
N ASN A 673 -15.94 6.72 -18.64
CA ASN A 673 -16.25 5.32 -18.38
C ASN A 673 -16.96 4.63 -19.55
N ALA A 674 -16.81 5.20 -20.75
CA ALA A 674 -17.45 4.67 -21.94
C ALA A 674 -17.05 3.22 -22.25
N GLY A 675 -15.78 2.88 -22.02
CA GLY A 675 -15.30 1.55 -22.34
C GLY A 675 -15.72 0.47 -21.35
N ASP A 676 -16.87 0.62 -20.68
CA ASP A 676 -17.34 -0.31 -19.65
C ASP A 676 -18.83 -0.64 -19.74
N VAL A 677 -19.12 -1.87 -20.10
CA VAL A 677 -20.48 -2.30 -20.35
C VAL A 677 -21.40 -2.26 -19.12
N ALA A 678 -20.82 -2.30 -17.93
CA ALA A 678 -21.63 -2.31 -16.71
C ALA A 678 -21.96 -0.90 -16.22
N TYR A 679 -21.30 0.11 -16.79
CA TYR A 679 -21.45 1.48 -16.34
C TYR A 679 -22.86 2.03 -16.58
N ARG A 680 -23.35 2.77 -15.60
CA ARG A 680 -24.63 3.48 -15.73
C ARG A 680 -24.40 4.96 -15.56
N PRO A 681 -24.75 5.74 -16.59
CA PRO A 681 -24.50 7.19 -16.59
C PRO A 681 -25.12 7.84 -15.37
N MET A 682 -24.42 8.78 -14.75
CA MET A 682 -24.91 9.48 -13.57
C MET A 682 -25.83 10.58 -14.01
N ALA A 683 -25.48 11.18 -15.12
CA ALA A 683 -26.19 12.26 -15.76
C ALA A 683 -27.18 11.70 -16.80
N PRO A 684 -28.40 12.33 -17.01
CA PRO A 684 -28.64 13.57 -16.29
C PRO A 684 -29.54 13.51 -15.10
N ASN A 685 -30.01 12.36 -14.70
CA ASN A 685 -30.90 12.26 -13.55
C ASN A 685 -30.12 12.09 -12.23
N PHE A 686 -29.39 13.14 -11.86
CA PHE A 686 -28.52 13.13 -10.69
C PHE A 686 -29.17 12.58 -9.43
N ASP A 687 -30.36 13.06 -9.10
CA ASP A 687 -31.05 12.59 -7.90
C ASP A 687 -31.52 11.12 -7.98
N ASP A 688 -31.39 10.50 -9.15
CA ASP A 688 -31.70 9.07 -9.27
C ASP A 688 -30.43 8.23 -9.21
N SER A 689 -29.28 8.89 -9.19
CA SER A 689 -28.01 8.18 -9.07
C SER A 689 -27.51 8.18 -7.64
N ILE A 690 -27.54 7.01 -7.02
CA ILE A 690 -27.03 6.86 -5.68
C ILE A 690 -25.56 7.27 -5.62
N ALA A 691 -24.81 6.98 -6.69
CA ALA A 691 -23.40 7.38 -6.77
C ALA A 691 -23.24 8.90 -6.72
N PHE A 692 -24.03 9.62 -7.51
CA PHE A 692 -23.99 11.08 -7.51
C PHE A 692 -24.37 11.63 -6.12
N LEU A 693 -25.45 11.11 -5.55
CA LEU A 693 -25.88 11.53 -4.21
C LEU A 693 -24.85 11.22 -3.13
N ALA A 694 -24.11 10.13 -3.31
CA ALA A 694 -23.04 9.77 -2.39
C ALA A 694 -21.92 10.82 -2.44
N ALA A 695 -21.57 11.23 -3.66
CA ALA A 695 -20.54 12.23 -3.87
C ALA A 695 -20.94 13.54 -3.20
N GLN A 696 -22.18 13.92 -3.43
CA GLN A 696 -22.74 15.15 -2.85
C GLN A 696 -22.67 15.10 -1.34
N GLU A 697 -23.11 13.97 -0.77
CA GLU A 697 -23.20 13.83 0.66
C GLU A 697 -21.84 13.87 1.32
N LEU A 698 -20.86 13.23 0.71
CA LEU A 698 -19.49 13.24 1.23
C LEU A 698 -18.93 14.66 1.41
N ILE A 699 -19.27 15.54 0.47
CA ILE A 699 -18.81 16.93 0.56
C ILE A 699 -19.65 17.72 1.56
N LEU A 700 -20.96 17.65 1.40
CA LEU A 700 -21.85 18.48 2.22
C LEU A 700 -21.90 18.03 3.68
N SER A 701 -21.64 16.75 3.92
CA SER A 701 -21.54 16.24 5.29
C SER A 701 -20.10 16.09 5.74
N GLY A 702 -19.17 16.43 4.87
CA GLY A 702 -17.75 16.22 5.14
C GLY A 702 -17.23 16.74 6.47
N ALA A 703 -17.62 17.96 6.82
CA ALA A 703 -17.11 18.56 8.04
C ALA A 703 -17.56 17.80 9.29
N GLN A 704 -18.69 17.12 9.19
CA GLN A 704 -19.23 16.41 10.35
C GLN A 704 -18.79 14.95 10.47
N GLN A 705 -18.06 14.44 9.47
CA GLN A 705 -17.59 13.04 9.53
C GLN A 705 -16.39 12.96 10.46
N PRO A 706 -16.38 11.93 11.35
CA PRO A 706 -15.31 11.80 12.33
C PRO A 706 -13.98 11.69 11.61
N ASN A 707 -13.09 12.63 11.90
CA ASN A 707 -11.77 12.71 11.28
C ASN A 707 -11.83 12.67 9.75
N GLY A 708 -12.97 13.05 9.21
CA GLY A 708 -13.16 13.09 7.77
C GLY A 708 -13.30 11.72 7.12
N TYR A 709 -13.48 10.67 7.92
CA TYR A 709 -13.61 9.32 7.36
C TYR A 709 -14.83 9.20 6.44
N THR A 710 -14.63 8.57 5.28
CA THR A 710 -15.66 8.53 4.26
C THR A 710 -16.47 7.25 4.31
N GLU A 711 -15.99 6.26 5.06
CA GLU A 711 -16.61 4.93 5.05
C GLU A 711 -18.06 4.91 5.50
N PRO A 712 -18.43 5.63 6.59
CA PRO A 712 -19.83 5.52 7.02
C PRO A 712 -20.79 5.94 5.92
N ILE A 713 -20.44 6.99 5.18
CA ILE A 713 -21.27 7.40 4.07
C ILE A 713 -21.18 6.45 2.89
N LEU A 714 -19.95 6.09 2.50
CA LEU A 714 -19.75 5.20 1.36
C LEU A 714 -20.39 3.83 1.57
N HIS A 715 -20.22 3.27 2.77
CA HIS A 715 -20.75 1.94 3.03
C HIS A 715 -22.28 1.97 2.96
N ARG A 716 -22.91 2.92 3.66
CA ARG A 716 -24.36 3.12 3.59
C ARG A 716 -24.87 3.23 2.14
N ARG A 717 -24.23 4.08 1.32
CA ARG A 717 -24.64 4.24 -0.08
C ARG A 717 -24.45 2.99 -0.96
N ARG A 718 -23.32 2.30 -0.78
CA ARG A 718 -23.06 1.03 -1.47
C ARG A 718 -24.13 -0.02 -1.08
N ARG A 719 -24.43 -0.10 0.22
CA ARG A 719 -25.47 -1.01 0.68
C ARG A 719 -26.80 -0.62 0.06
N GLU A 720 -27.06 0.69 -0.03
CA GLU A 720 -28.27 1.20 -0.67
C GLU A 720 -28.34 0.78 -2.13
N PHE A 721 -27.21 0.84 -2.82
CA PHE A 721 -27.17 0.41 -4.20
C PHE A 721 -27.43 -1.09 -4.32
N LYS A 722 -26.77 -1.88 -3.47
CA LYS A 722 -26.93 -3.32 -3.47
C LYS A 722 -28.39 -3.73 -3.30
N ALA A 723 -29.09 -3.03 -2.41
CA ALA A 723 -30.48 -3.37 -2.11
C ALA A 723 -31.40 -3.01 -3.27
N ARG A 724 -31.17 -1.86 -3.88
CA ARG A 724 -31.99 -1.45 -5.02
C ARG A 724 -31.81 -2.38 -6.21
N ALA A 725 -30.61 -2.96 -6.34
CA ALA A 725 -30.28 -3.77 -7.50
C ALA A 725 -30.90 -5.15 -7.42
N ALA A 726 -31.38 -5.49 -6.23
CA ALA A 726 -31.99 -6.80 -5.99
C ALA A 726 -33.49 -6.77 -6.20
N GLU A 727 -34.11 -5.65 -5.83
CA GLU A 727 -35.56 -5.47 -5.93
C GLU A 727 -35.99 -5.06 -7.34
#